data_9R8B
#
_entry.id   9R8B
#
_cell.length_a   61.072
_cell.length_b   136.899
_cell.length_c   140.729
_cell.angle_alpha   90.00
_cell.angle_beta   90.00
_cell.angle_gamma   90.00
#
_symmetry.space_group_name_H-M   'P 21 21 21'
#
loop_
_entity.id
_entity.type
_entity.pdbx_description
1 polymer 'Serine/threonine-protein kinase PLK1'
2 polymer 'DESIGNED ANKYRIN REPEAT PROTEIN (DARPIN), variant 3H10'
3 non-polymer (2~{Z})-2-cyano-2-[3-ethyl-5-[(~{E})-[2-[methyl-(1-methylpiperidin-4-yl)amino]pyridin-4-yl]iminomethyl]-4-oxidanylidene-1,3-thiazol-2-ylidene]-~{N}-[2,2,2-tris(fluoranyl)ethyl]ethanamide
4 non-polymer GLYCEROL
5 non-polymer 'CHLORIDE ION'
6 water water
#
loop_
_entity_poly.entity_id
_entity_poly.type
_entity_poly.pdbx_seq_one_letter_code
_entity_poly.pdbx_strand_id
1 'polypeptide(L)'
;GSAAPPAKEIPEVLVDPRSRRRYVRGRFLGKGGFAKCFEISDADTKEVFAGKIVPKSLLLKPHQREKMSMEISIHRSLAH
QHVVGFHGFFEDNDFVFVVLELCRRRSLLELHKRRKALTEPEARYYLRQIVLGCQYLHRNRVIHRDLKLGNLFLNEDLEV
KIGDFGLATKVEYDGERKKTLCGTPNYIAPEVLSKKGHSFEVDVWSIGCIMYTLLVGKPPFETSCLKETYLRIKKNEYSI
PKHINPVAASLIQKMLQTDPTARPTINELLNDEFFTSGYIPARLPITCLTIPPRFSIAPSSLDPSNRKPLTVLNK
;
A,B
2 'polypeptide(L)'
;MRGSHHHHHHGSDLGKKLLEAARAGQDDEVRILIANGADVNAVDNTGLTPLHLAAVSGHLEIVEVLLKHGADVDAADVYG
FTPLHLAAMTGHLEIVEVLLKYGADVNAFDMTGSTPLHLAADEGHLEIVEVLLKYGADVNAQDKFGKTAFDISIDNGNED
LAKSCRN
;
C,D
#
loop_
_chem_comp.id
_chem_comp.type
_chem_comp.name
_chem_comp.formula
A1JCP non-polymer (2~{Z})-2-cyano-2-[3-ethyl-5-[(~{E})-[2-[methyl-(1-methylpiperidin-4-yl)amino]pyridin-4-yl]iminomethyl]-4-oxidanylidene-1,3-thiazol-2-ylidene]-~{N}-[2,2,2-tris(fluoranyl)ethyl]ethanamide 'C23 H28 F3 N7 O2 S'
CL non-polymer 'CHLORIDE ION' 'Cl -1'
GOL non-polymer GLYCEROL 'C3 H8 O3'
#
# COMPACT_ATOMS: atom_id res chain seq x y z
N ALA A 7 -37.65 -26.37 -13.07
CA ALA A 7 -36.76 -26.09 -11.89
C ALA A 7 -36.99 -24.64 -11.43
N LYS A 8 -37.01 -24.41 -10.12
CA LYS A 8 -37.59 -23.21 -9.45
C LYS A 8 -36.84 -21.94 -9.91
N GLU A 9 -37.57 -20.85 -10.10
CA GLU A 9 -37.00 -19.48 -10.28
C GLU A 9 -36.57 -18.98 -8.91
N ILE A 10 -35.48 -18.21 -8.88
CA ILE A 10 -34.88 -17.63 -7.64
C ILE A 10 -35.83 -16.51 -7.20
N PRO A 11 -36.19 -16.37 -5.91
CA PRO A 11 -37.06 -15.28 -5.48
C PRO A 11 -36.35 -13.96 -5.84
N GLU A 12 -37.11 -13.00 -6.35
CA GLU A 12 -36.64 -11.62 -6.68
C GLU A 12 -36.20 -10.90 -5.39
N VAL A 13 -36.80 -11.25 -4.25
CA VAL A 13 -36.42 -10.70 -2.91
C VAL A 13 -36.11 -11.85 -1.95
N LEU A 14 -34.89 -11.91 -1.43
CA LEU A 14 -34.42 -12.93 -0.45
C LEU A 14 -34.84 -12.50 0.94
N VAL A 15 -35.64 -13.31 1.63
CA VAL A 15 -36.12 -13.02 3.01
C VAL A 15 -35.40 -13.99 3.96
N ASP A 16 -34.59 -13.46 4.89
CA ASP A 16 -34.04 -14.22 6.05
C ASP A 16 -35.22 -14.47 6.98
N PRO A 17 -35.61 -15.74 7.24
CA PRO A 17 -36.76 -15.99 8.11
C PRO A 17 -36.48 -15.73 9.60
N ARG A 18 -35.22 -15.61 10.00
CA ARG A 18 -34.83 -15.24 11.40
C ARG A 18 -35.01 -13.72 11.60
N SER A 19 -34.18 -12.88 10.98
CA SER A 19 -34.16 -11.40 11.16
C SER A 19 -35.32 -10.75 10.40
N ARG A 20 -35.77 -11.40 9.31
CA ARG A 20 -36.76 -10.91 8.31
C ARG A 20 -36.18 -9.75 7.49
N ARG A 21 -34.85 -9.60 7.48
CA ARG A 21 -34.13 -8.69 6.54
C ARG A 21 -34.46 -9.16 5.13
N ARG A 22 -34.82 -8.21 4.27
CA ARG A 22 -35.13 -8.43 2.84
C ARG A 22 -33.91 -7.98 2.03
N TYR A 23 -33.46 -8.81 1.10
CA TYR A 23 -32.37 -8.50 0.15
C TYR A 23 -32.94 -8.54 -1.27
N VAL A 24 -32.89 -7.42 -1.97
CA VAL A 24 -33.35 -7.33 -3.40
C VAL A 24 -32.28 -7.95 -4.29
N ARG A 25 -32.66 -8.89 -5.15
CA ARG A 25 -31.72 -9.57 -6.08
C ARG A 25 -31.41 -8.66 -7.26
N GLY A 26 -30.14 -8.35 -7.46
CA GLY A 26 -29.67 -7.54 -8.62
C GLY A 26 -29.01 -8.42 -9.66
N ARG A 27 -27.90 -7.95 -10.22
CA ARG A 27 -27.20 -8.56 -11.38
C ARG A 27 -26.53 -9.88 -11.00
N PHE A 28 -26.61 -10.84 -11.93
CA PHE A 28 -25.77 -12.05 -12.01
C PHE A 28 -24.29 -11.64 -11.98
N LEU A 29 -23.50 -12.34 -11.17
CA LEU A 29 -22.04 -12.09 -11.02
C LEU A 29 -21.25 -13.27 -11.56
N GLY A 30 -21.70 -14.49 -11.27
CA GLY A 30 -20.93 -15.70 -11.55
C GLY A 30 -21.64 -16.96 -11.09
N LYS A 31 -21.15 -18.10 -11.56
CA LYS A 31 -21.68 -19.44 -11.20
C LYS A 31 -20.53 -20.46 -11.23
N GLY A 32 -20.76 -21.63 -10.67
CA GLY A 32 -19.83 -22.77 -10.68
C GLY A 32 -20.38 -23.85 -9.77
N GLY A 33 -20.19 -25.13 -10.12
CA GLY A 33 -20.84 -26.27 -9.47
C GLY A 33 -22.33 -26.03 -9.39
N PHE A 34 -22.93 -26.16 -8.20
CA PHE A 34 -24.41 -26.04 -7.98
C PHE A 34 -24.82 -24.58 -7.68
N ALA A 35 -23.89 -23.62 -7.68
CA ALA A 35 -24.11 -22.25 -7.18
C ALA A 35 -24.22 -21.21 -8.29
N LYS A 36 -25.12 -20.24 -8.13
CA LYS A 36 -25.06 -18.93 -8.84
C LYS A 36 -24.78 -17.86 -7.79
N CYS A 37 -24.06 -16.80 -8.15
CA CYS A 37 -23.84 -15.64 -7.26
C CYS A 37 -24.43 -14.37 -7.88
N PHE A 38 -25.14 -13.59 -7.06
CA PHE A 38 -25.86 -12.36 -7.45
C PHE A 38 -25.49 -11.20 -6.50
N GLU A 39 -25.39 -10.00 -7.07
CA GLU A 39 -25.48 -8.75 -6.30
C GLU A 39 -26.82 -8.75 -5.56
N ILE A 40 -26.80 -8.59 -4.23
CA ILE A 40 -28.02 -8.41 -3.40
C ILE A 40 -27.87 -7.16 -2.52
N SER A 41 -28.96 -6.48 -2.22
CA SER A 41 -28.93 -5.26 -1.37
C SER A 41 -30.02 -5.31 -0.31
N ASP A 42 -29.65 -4.93 0.92
CA ASP A 42 -30.59 -4.71 2.04
C ASP A 42 -31.61 -3.66 1.57
N ALA A 43 -32.90 -4.01 1.54
CA ALA A 43 -33.99 -3.14 1.04
C ALA A 43 -34.12 -1.92 1.98
N ASP A 44 -33.61 -2.03 3.21
CA ASP A 44 -33.74 -0.99 4.27
CA ASP A 44 -33.73 -1.01 4.30
C ASP A 44 -32.44 -0.16 4.35
N THR A 45 -31.29 -0.81 4.53
CA THR A 45 -29.96 -0.15 4.79
C THR A 45 -29.27 0.24 3.46
N LYS A 46 -29.66 -0.38 2.34
CA LYS A 46 -29.05 -0.23 0.97
C LYS A 46 -27.64 -0.81 0.90
N GLU A 47 -27.20 -1.55 1.92
CA GLU A 47 -25.89 -2.23 1.93
CA GLU A 47 -25.87 -2.22 1.92
C GLU A 47 -25.88 -3.33 0.84
N VAL A 48 -24.80 -3.45 0.09
CA VAL A 48 -24.69 -4.40 -1.05
C VAL A 48 -23.73 -5.54 -0.67
N PHE A 49 -24.17 -6.76 -0.96
CA PHE A 49 -23.47 -8.05 -0.69
C PHE A 49 -23.42 -8.89 -1.98
N ALA A 50 -22.63 -9.94 -1.97
CA ALA A 50 -22.71 -11.06 -2.94
C ALA A 50 -23.59 -12.12 -2.30
N GLY A 51 -24.66 -12.50 -2.97
CA GLY A 51 -25.53 -13.59 -2.50
C GLY A 51 -25.23 -14.84 -3.28
N LYS A 52 -24.68 -15.86 -2.62
CA LYS A 52 -24.51 -17.20 -3.23
C LYS A 52 -25.85 -17.93 -3.08
N ILE A 53 -26.38 -18.49 -4.17
CA ILE A 53 -27.74 -19.09 -4.20
C ILE A 53 -27.61 -20.49 -4.81
N VAL A 54 -28.06 -21.48 -4.04
CA VAL A 54 -27.91 -22.93 -4.34
C VAL A 54 -29.28 -23.59 -4.24
N PRO A 55 -29.78 -24.16 -5.37
CA PRO A 55 -31.07 -24.86 -5.36
C PRO A 55 -30.93 -26.19 -4.60
N LYS A 56 -31.88 -26.48 -3.70
CA LYS A 56 -31.93 -27.76 -2.96
C LYS A 56 -32.14 -28.93 -3.93
N SER A 57 -32.69 -28.67 -5.14
CA SER A 57 -32.76 -29.69 -6.23
C SER A 57 -31.35 -30.18 -6.62
N LEU A 58 -30.27 -29.41 -6.35
CA LEU A 58 -28.90 -29.81 -6.71
C LEU A 58 -28.16 -30.32 -5.47
N LEU A 59 -28.88 -30.53 -4.35
CA LEU A 59 -28.31 -30.91 -3.03
C LEU A 59 -28.89 -32.26 -2.57
N LEU A 60 -29.38 -33.09 -3.50
CA LEU A 60 -30.10 -34.32 -3.09
C LEU A 60 -29.06 -35.41 -2.77
N LYS A 61 -27.85 -35.36 -3.36
CA LYS A 61 -26.80 -36.40 -3.14
C LYS A 61 -25.97 -36.08 -1.88
N PRO A 62 -25.29 -37.09 -1.29
CA PRO A 62 -24.62 -36.92 -0.01
C PRO A 62 -23.41 -35.99 -0.15
N HIS A 63 -22.60 -36.20 -1.19
CA HIS A 63 -21.35 -35.41 -1.42
C HIS A 63 -21.68 -33.94 -1.74
N GLN A 64 -22.92 -33.64 -2.17
CA GLN A 64 -23.36 -32.26 -2.56
C GLN A 64 -23.87 -31.54 -1.30
N ARG A 65 -24.75 -32.18 -0.52
CA ARG A 65 -25.20 -31.68 0.80
C ARG A 65 -23.97 -31.47 1.69
N GLU A 66 -22.98 -32.37 1.63
CA GLU A 66 -21.71 -32.25 2.39
C GLU A 66 -21.00 -30.94 1.99
N LYS A 67 -20.81 -30.71 0.69
CA LYS A 67 -20.14 -29.49 0.17
C LYS A 67 -20.81 -28.19 0.68
N MET A 68 -22.13 -28.09 0.61
CA MET A 68 -22.89 -26.87 0.96
C MET A 68 -22.71 -26.65 2.46
N SER A 69 -22.87 -27.69 3.26
CA SER A 69 -22.86 -27.63 4.74
C SER A 69 -21.45 -27.29 5.23
N MET A 70 -20.44 -27.90 4.63
CA MET A 70 -19.02 -27.71 4.98
C MET A 70 -18.58 -26.30 4.58
N GLU A 71 -18.98 -25.82 3.40
CA GLU A 71 -18.64 -24.43 3.00
C GLU A 71 -19.15 -23.45 4.06
N ILE A 72 -20.40 -23.64 4.51
CA ILE A 72 -21.06 -22.72 5.48
C ILE A 72 -20.37 -22.85 6.85
N SER A 73 -20.17 -24.05 7.38
CA SER A 73 -19.63 -24.24 8.76
C SER A 73 -18.20 -23.75 8.85
N ILE A 74 -17.39 -23.94 7.82
CA ILE A 74 -15.98 -23.44 7.77
C ILE A 74 -15.93 -21.91 7.59
N HIS A 75 -16.57 -21.38 6.56
CA HIS A 75 -16.52 -19.93 6.23
C HIS A 75 -17.10 -19.08 7.37
N ARG A 76 -18.19 -19.50 7.99
CA ARG A 76 -18.88 -18.71 9.03
C ARG A 76 -17.95 -18.53 10.24
N SER A 77 -16.92 -19.36 10.41
CA SER A 77 -15.98 -19.32 11.56
C SER A 77 -14.77 -18.45 11.24
N LEU A 78 -14.69 -17.88 10.05
CA LEU A 78 -13.46 -17.19 9.56
C LEU A 78 -13.70 -15.69 9.51
N ALA A 79 -12.66 -14.95 9.88
CA ALA A 79 -12.58 -13.46 9.82
C ALA A 79 -11.09 -13.08 9.75
N HIS A 80 -10.67 -12.55 8.61
CA HIS A 80 -9.29 -12.10 8.33
C HIS A 80 -9.32 -11.11 7.16
N GLN A 81 -8.35 -10.19 7.15
CA GLN A 81 -8.12 -9.18 6.10
C GLN A 81 -8.07 -9.86 4.72
N HIS A 82 -7.59 -11.10 4.59
CA HIS A 82 -7.38 -11.77 3.28
C HIS A 82 -8.35 -12.95 3.06
N VAL A 83 -9.46 -12.95 3.77
CA VAL A 83 -10.54 -13.94 3.56
C VAL A 83 -11.87 -13.25 3.29
N VAL A 84 -12.60 -13.72 2.28
CA VAL A 84 -13.94 -13.12 1.95
C VAL A 84 -14.75 -12.95 3.25
N GLY A 85 -15.31 -11.74 3.48
CA GLY A 85 -16.25 -11.48 4.58
C GLY A 85 -17.44 -12.42 4.51
N PHE A 86 -17.76 -13.04 5.65
CA PHE A 86 -18.94 -13.91 5.82
C PHE A 86 -20.01 -13.16 6.62
N HIS A 87 -21.16 -12.87 6.00
CA HIS A 87 -22.23 -12.03 6.62
C HIS A 87 -23.41 -12.87 7.10
N GLY A 88 -23.66 -14.04 6.52
CA GLY A 88 -24.70 -14.95 7.05
C GLY A 88 -25.16 -15.96 6.03
N PHE A 89 -26.10 -16.80 6.45
CA PHE A 89 -26.72 -17.83 5.58
C PHE A 89 -28.11 -18.08 6.10
N PHE A 90 -29.00 -18.47 5.21
CA PHE A 90 -30.40 -18.83 5.53
C PHE A 90 -30.92 -19.66 4.33
N GLU A 91 -32.14 -20.17 4.44
CA GLU A 91 -32.75 -21.05 3.42
C GLU A 91 -34.26 -20.82 3.40
N ASP A 92 -34.91 -21.11 2.27
CA ASP A 92 -36.38 -21.31 2.18
C ASP A 92 -36.59 -22.79 1.78
N ASN A 93 -37.71 -23.13 1.13
CA ASN A 93 -38.02 -24.54 0.81
C ASN A 93 -37.19 -25.02 -0.39
N ASP A 94 -36.67 -24.09 -1.22
CA ASP A 94 -36.12 -24.41 -2.56
C ASP A 94 -34.63 -24.03 -2.66
N PHE A 95 -34.10 -23.17 -1.81
CA PHE A 95 -32.76 -22.55 -2.01
C PHE A 95 -32.02 -22.43 -0.69
N VAL A 96 -30.70 -22.57 -0.72
CA VAL A 96 -29.82 -22.08 0.37
C VAL A 96 -29.20 -20.77 -0.10
N PHE A 97 -29.15 -19.80 0.80
CA PHE A 97 -28.64 -18.44 0.52
C PHE A 97 -27.46 -18.16 1.46
N VAL A 98 -26.32 -17.77 0.89
CA VAL A 98 -25.13 -17.36 1.67
C VAL A 98 -24.82 -15.90 1.33
N VAL A 99 -24.82 -15.03 2.35
CA VAL A 99 -24.51 -13.58 2.23
C VAL A 99 -23.01 -13.35 2.48
N LEU A 100 -22.31 -12.86 1.46
CA LEU A 100 -20.84 -12.65 1.41
C LEU A 100 -20.52 -11.19 1.04
N GLU A 101 -19.32 -10.77 1.41
CA GLU A 101 -18.65 -9.54 0.95
C GLU A 101 -18.58 -9.57 -0.58
N LEU A 102 -19.13 -8.54 -1.19
CA LEU A 102 -18.98 -8.25 -2.64
C LEU A 102 -17.55 -7.74 -2.89
N CYS A 103 -16.83 -8.41 -3.78
CA CYS A 103 -15.45 -8.08 -4.19
C CYS A 103 -15.61 -7.49 -5.59
N ARG A 104 -15.62 -6.16 -5.63
CA ARG A 104 -16.04 -5.36 -6.80
C ARG A 104 -14.97 -5.38 -7.87
N ARG A 105 -13.76 -5.88 -7.62
CA ARG A 105 -12.67 -5.87 -8.66
C ARG A 105 -12.38 -7.30 -9.16
N ARG A 106 -13.39 -8.14 -9.16
CA ARG A 106 -13.33 -9.47 -9.81
C ARG A 106 -12.27 -10.29 -9.06
N SER A 107 -11.42 -11.02 -9.78
CA SER A 107 -10.53 -12.06 -9.20
C SER A 107 -9.22 -12.07 -9.99
N LEU A 108 -8.24 -12.82 -9.50
CA LEU A 108 -6.94 -12.92 -10.21
C LEU A 108 -7.14 -13.64 -11.55
N LEU A 109 -8.25 -14.34 -11.79
CA LEU A 109 -8.48 -14.97 -13.12
C LEU A 109 -8.63 -13.86 -14.18
N GLU A 110 -9.43 -12.83 -13.89
CA GLU A 110 -9.70 -11.74 -14.86
C GLU A 110 -8.40 -10.99 -15.07
N LEU A 111 -7.66 -10.77 -14.00
CA LEU A 111 -6.36 -10.05 -14.07
C LEU A 111 -5.44 -10.88 -14.96
N HIS A 112 -5.40 -12.19 -14.74
CA HIS A 112 -4.52 -13.11 -15.51
C HIS A 112 -4.89 -13.07 -16.98
N LYS A 113 -6.19 -13.12 -17.31
CA LYS A 113 -6.60 -13.16 -18.74
C LYS A 113 -6.16 -11.87 -19.43
N ARG A 114 -6.15 -10.72 -18.73
CA ARG A 114 -5.82 -9.43 -19.39
C ARG A 114 -4.32 -9.24 -19.45
N ARG A 115 -3.60 -9.58 -18.39
CA ARG A 115 -2.19 -9.18 -18.25
C ARG A 115 -1.27 -10.30 -18.69
N LYS A 116 -1.71 -11.54 -18.59
CA LYS A 116 -0.82 -12.73 -18.59
C LYS A 116 0.27 -12.53 -17.52
N ALA A 117 1.54 -12.67 -17.84
CA ALA A 117 2.63 -12.53 -16.85
C ALA A 117 2.61 -11.12 -16.20
N LEU A 118 2.56 -11.06 -14.87
CA LEU A 118 2.72 -9.79 -14.10
C LEU A 118 4.20 -9.45 -13.99
N THR A 119 4.53 -8.21 -13.71
CA THR A 119 5.90 -7.86 -13.22
C THR A 119 6.09 -8.54 -11.85
N GLU A 120 7.35 -8.73 -11.45
CA GLU A 120 7.68 -9.43 -10.19
C GLU A 120 7.12 -8.68 -9.01
N PRO A 121 7.31 -7.35 -8.90
CA PRO A 121 6.76 -6.59 -7.77
C PRO A 121 5.24 -6.81 -7.61
N GLU A 122 4.50 -6.87 -8.71
CA GLU A 122 3.04 -7.12 -8.64
C GLU A 122 2.80 -8.55 -8.18
N ALA A 123 3.52 -9.54 -8.69
CA ALA A 123 3.41 -10.93 -8.19
C ALA A 123 3.70 -10.96 -6.69
N ARG A 124 4.71 -10.21 -6.23
CA ARG A 124 5.12 -10.16 -4.82
C ARG A 124 3.97 -9.56 -3.98
N TYR A 125 3.39 -8.47 -4.42
CA TYR A 125 2.23 -7.81 -3.78
C TYR A 125 1.09 -8.81 -3.61
N TYR A 126 0.69 -9.52 -4.67
CA TYR A 126 -0.50 -10.41 -4.59
C TYR A 126 -0.15 -11.65 -3.77
N LEU A 127 1.00 -12.25 -4.03
CA LEU A 127 1.38 -13.55 -3.39
C LEU A 127 1.49 -13.38 -1.87
N ARG A 128 2.03 -12.26 -1.36
CA ARG A 128 2.14 -12.07 0.11
C ARG A 128 0.74 -12.11 0.71
N GLN A 129 -0.26 -11.54 0.05
CA GLN A 129 -1.64 -11.45 0.61
C GLN A 129 -2.26 -12.84 0.56
N ILE A 130 -1.99 -13.61 -0.52
CA ILE A 130 -2.50 -15.01 -0.64
C ILE A 130 -1.92 -15.81 0.53
N VAL A 131 -0.62 -15.74 0.73
CA VAL A 131 0.09 -16.53 1.77
C VAL A 131 -0.35 -16.07 3.16
N LEU A 132 -0.58 -14.76 3.40
CA LEU A 132 -1.11 -14.33 4.74
C LEU A 132 -2.51 -14.92 4.99
N GLY A 133 -3.38 -14.90 3.99
CA GLY A 133 -4.73 -15.44 4.14
C GLY A 133 -4.68 -16.92 4.41
N CYS A 134 -3.81 -17.62 3.71
CA CYS A 134 -3.66 -19.08 3.84
C CYS A 134 -3.00 -19.47 5.20
N GLN A 135 -2.09 -18.63 5.71
CA GLN A 135 -1.46 -18.86 7.03
C GLN A 135 -2.56 -18.77 8.10
N TYR A 136 -3.41 -17.75 8.03
CA TYR A 136 -4.59 -17.63 8.94
C TYR A 136 -5.45 -18.91 8.80
N LEU A 137 -5.63 -19.45 7.58
CA LEU A 137 -6.48 -20.68 7.42
C LEU A 137 -5.77 -21.84 8.11
N HIS A 138 -4.49 -22.08 7.78
CA HIS A 138 -3.70 -23.22 8.33
C HIS A 138 -3.61 -23.17 9.86
N ARG A 139 -3.54 -21.99 10.46
CA ARG A 139 -3.47 -21.88 11.93
C ARG A 139 -4.86 -22.09 12.54
N ASN A 140 -5.93 -21.98 11.77
CA ASN A 140 -7.30 -22.32 12.27
C ASN A 140 -7.65 -23.75 11.85
N ARG A 141 -6.67 -24.53 11.36
CA ARG A 141 -6.76 -25.97 11.02
C ARG A 141 -7.64 -26.17 9.78
N VAL A 142 -7.73 -25.15 8.93
CA VAL A 142 -8.52 -25.19 7.68
C VAL A 142 -7.55 -25.39 6.52
N ILE A 143 -7.77 -26.45 5.73
CA ILE A 143 -7.14 -26.65 4.40
C ILE A 143 -8.19 -26.24 3.36
N HIS A 144 -7.83 -25.34 2.46
CA HIS A 144 -8.72 -24.84 1.42
C HIS A 144 -8.95 -25.95 0.37
N ARG A 145 -7.86 -26.50 -0.17
CA ARG A 145 -7.87 -27.64 -1.12
C ARG A 145 -8.30 -27.28 -2.53
N ASP A 146 -8.64 -26.02 -2.84
CA ASP A 146 -9.06 -25.65 -4.21
C ASP A 146 -8.64 -24.22 -4.55
N LEU A 147 -7.47 -23.80 -4.13
CA LEU A 147 -7.00 -22.43 -4.40
C LEU A 147 -6.78 -22.30 -5.89
N LYS A 148 -7.30 -21.22 -6.47
CA LYS A 148 -7.22 -20.95 -7.92
C LYS A 148 -7.41 -19.44 -8.16
N LEU A 149 -6.99 -18.97 -9.33
CA LEU A 149 -7.05 -17.51 -9.64
C LEU A 149 -8.46 -17.01 -9.39
N GLY A 150 -9.45 -17.83 -9.76
CA GLY A 150 -10.88 -17.48 -9.78
C GLY A 150 -11.51 -17.36 -8.40
N ASN A 151 -10.89 -17.86 -7.33
CA ASN A 151 -11.41 -17.66 -5.94
C ASN A 151 -10.44 -16.84 -5.09
N LEU A 152 -9.48 -16.17 -5.74
CA LEU A 152 -8.61 -15.13 -5.16
C LEU A 152 -9.18 -13.80 -5.65
N PHE A 153 -10.16 -13.33 -4.89
CA PHE A 153 -11.00 -12.16 -5.23
C PHE A 153 -10.27 -10.87 -4.86
N LEU A 154 -10.64 -9.77 -5.52
CA LEU A 154 -10.06 -8.43 -5.26
C LEU A 154 -11.16 -7.49 -4.80
N ASN A 155 -10.91 -6.76 -3.71
CA ASN A 155 -11.82 -5.63 -3.32
C ASN A 155 -11.42 -4.31 -4.00
N GLU A 156 -12.02 -3.19 -3.63
CA GLU A 156 -11.83 -1.86 -4.28
C GLU A 156 -10.37 -1.40 -4.12
N ASP A 157 -9.67 -1.91 -3.13
CA ASP A 157 -8.27 -1.53 -2.86
C ASP A 157 -7.33 -2.58 -3.45
N LEU A 158 -7.82 -3.44 -4.38
CA LEU A 158 -6.99 -4.53 -4.93
C LEU A 158 -6.31 -5.30 -3.77
N GLU A 159 -7.07 -5.54 -2.73
CA GLU A 159 -6.70 -6.47 -1.63
C GLU A 159 -7.27 -7.87 -1.92
N VAL A 160 -6.42 -8.88 -1.85
CA VAL A 160 -6.83 -10.29 -2.10
C VAL A 160 -7.75 -10.79 -0.98
N LYS A 161 -8.87 -11.38 -1.35
CA LYS A 161 -9.79 -12.08 -0.42
C LYS A 161 -9.97 -13.54 -0.87
N ILE A 162 -9.52 -14.49 -0.06
CA ILE A 162 -9.76 -15.94 -0.38
C ILE A 162 -11.23 -16.28 -0.14
N GLY A 163 -11.83 -16.97 -1.11
CA GLY A 163 -13.23 -17.40 -1.06
C GLY A 163 -13.40 -18.86 -1.51
N ASP A 164 -14.66 -19.25 -1.62
CA ASP A 164 -15.18 -20.54 -2.13
C ASP A 164 -14.60 -21.70 -1.30
N PHE A 165 -15.12 -21.89 -0.08
CA PHE A 165 -14.61 -22.87 0.90
C PHE A 165 -15.34 -24.23 0.75
N GLY A 166 -15.95 -24.49 -0.42
CA GLY A 166 -16.75 -25.68 -0.76
C GLY A 166 -15.96 -26.99 -0.76
N LEU A 167 -14.64 -26.96 -0.98
CA LEU A 167 -13.77 -28.15 -1.01
CA LEU A 167 -13.78 -28.17 -0.99
C LEU A 167 -12.92 -28.19 0.27
N ALA A 168 -13.13 -27.25 1.18
CA ALA A 168 -12.29 -27.07 2.38
C ALA A 168 -12.63 -28.14 3.40
N THR A 169 -11.66 -28.43 4.28
CA THR A 169 -11.82 -29.40 5.38
C THR A 169 -11.16 -28.81 6.62
N LYS A 170 -11.58 -29.31 7.77
CA LYS A 170 -11.00 -28.97 9.09
C LYS A 170 -10.14 -30.14 9.54
N VAL A 171 -8.85 -29.93 9.85
CA VAL A 171 -7.96 -30.97 10.45
C VAL A 171 -8.34 -31.15 11.94
N GLU A 172 -8.72 -32.38 12.33
CA GLU A 172 -9.38 -32.73 13.64
C GLU A 172 -8.35 -33.17 14.69
N TYR A 173 -7.23 -33.74 14.24
CA TYR A 173 -6.09 -34.10 15.10
C TYR A 173 -4.78 -33.90 14.34
N ASP A 174 -3.70 -33.86 15.12
CA ASP A 174 -2.33 -33.59 14.64
CA ASP A 174 -2.31 -33.62 14.67
C ASP A 174 -1.83 -34.80 13.82
N GLY A 175 -1.27 -34.51 12.64
CA GLY A 175 -0.69 -35.46 11.68
C GLY A 175 -1.77 -36.23 10.92
N GLU A 176 -3.02 -35.77 10.96
CA GLU A 176 -4.14 -36.45 10.27
C GLU A 176 -3.89 -36.38 8.75
N ARG A 177 -4.14 -37.46 8.03
N ARG A 177 -4.11 -37.47 8.02
CA ARG A 177 -4.08 -37.53 6.55
CA ARG A 177 -4.06 -37.51 6.54
C ARG A 177 -5.51 -37.74 6.05
C ARG A 177 -5.49 -37.73 6.05
N LYS A 178 -6.12 -36.69 5.48
CA LYS A 178 -7.49 -36.76 4.90
C LYS A 178 -7.41 -37.70 3.70
N LYS A 179 -8.41 -38.54 3.50
CA LYS A 179 -8.33 -39.62 2.49
C LYS A 179 -9.35 -39.37 1.38
N THR A 180 -10.33 -38.46 1.62
CA THR A 180 -11.44 -38.10 0.69
C THR A 180 -11.46 -36.60 0.39
N LEU A 181 -12.01 -36.27 -0.80
CA LEU A 181 -12.41 -34.92 -1.30
C LEU A 181 -13.82 -35.00 -1.91
N CYS A 182 -14.70 -34.02 -1.69
CA CYS A 182 -16.11 -33.98 -2.18
CA CYS A 182 -16.09 -34.13 -2.25
C CYS A 182 -16.19 -33.40 -3.60
N GLY A 183 -15.05 -33.14 -4.23
CA GLY A 183 -14.87 -32.69 -5.63
C GLY A 183 -13.41 -32.71 -6.02
N THR A 184 -13.07 -32.18 -7.19
CA THR A 184 -11.73 -32.27 -7.82
C THR A 184 -11.06 -30.91 -7.76
N PRO A 185 -9.89 -30.79 -7.11
CA PRO A 185 -9.22 -29.50 -6.96
C PRO A 185 -8.75 -29.00 -8.33
N ASN A 186 -8.57 -27.69 -8.45
CA ASN A 186 -8.10 -27.05 -9.68
C ASN A 186 -6.66 -27.49 -10.00
N TYR A 187 -5.76 -27.30 -9.04
CA TYR A 187 -4.34 -27.72 -9.08
C TYR A 187 -4.16 -29.02 -8.25
N ILE A 188 -4.32 -30.17 -8.86
CA ILE A 188 -4.18 -31.52 -8.24
C ILE A 188 -2.75 -31.73 -7.73
N ALA A 189 -2.53 -31.78 -6.42
CA ALA A 189 -1.21 -32.14 -5.82
C ALA A 189 -0.90 -33.62 -6.07
N PRO A 190 0.38 -33.99 -6.25
CA PRO A 190 0.74 -35.38 -6.50
C PRO A 190 0.24 -36.38 -5.44
N GLU A 191 0.17 -35.94 -4.17
CA GLU A 191 -0.27 -36.81 -3.06
C GLU A 191 -1.79 -37.03 -3.15
N VAL A 192 -2.52 -36.16 -3.83
CA VAL A 192 -3.97 -36.35 -4.07
C VAL A 192 -4.10 -37.44 -5.15
N LEU A 193 -3.17 -37.48 -6.11
CA LEU A 193 -3.13 -38.50 -7.19
C LEU A 193 -2.73 -39.88 -6.66
N SER A 194 -2.12 -39.95 -5.48
CA SER A 194 -1.64 -41.17 -4.78
C SER A 194 -2.69 -41.67 -3.77
N LYS A 195 -2.40 -42.78 -3.07
CA LYS A 195 -3.30 -43.43 -2.08
C LYS A 195 -2.99 -42.95 -0.65
N LYS A 196 -1.97 -42.10 -0.48
CA LYS A 196 -1.30 -41.90 0.85
C LYS A 196 -2.01 -40.83 1.67
N GLY A 197 -3.06 -40.17 1.13
CA GLY A 197 -3.75 -39.06 1.83
C GLY A 197 -2.97 -37.76 1.69
N HIS A 198 -3.54 -36.68 2.22
CA HIS A 198 -3.04 -35.30 2.02
C HIS A 198 -3.38 -34.45 3.25
N SER A 199 -2.75 -33.30 3.35
CA SER A 199 -2.96 -32.38 4.48
C SER A 199 -2.66 -30.96 4.02
N PHE A 200 -2.12 -30.12 4.88
CA PHE A 200 -2.01 -28.67 4.61
C PHE A 200 -1.21 -28.44 3.34
N GLU A 201 -0.30 -29.34 2.99
CA GLU A 201 0.74 -29.07 1.97
C GLU A 201 0.10 -29.01 0.58
N VAL A 202 -1.14 -29.45 0.38
CA VAL A 202 -1.86 -29.29 -0.92
C VAL A 202 -2.06 -27.79 -1.17
N ASP A 203 -2.24 -26.99 -0.12
CA ASP A 203 -2.45 -25.54 -0.28
C ASP A 203 -1.15 -24.90 -0.75
N VAL A 204 0.00 -25.43 -0.32
CA VAL A 204 1.32 -24.86 -0.70
C VAL A 204 1.62 -25.24 -2.15
N TRP A 205 1.28 -26.44 -2.57
CA TRP A 205 1.39 -26.88 -3.98
C TRP A 205 0.63 -25.89 -4.86
N SER A 206 -0.63 -25.63 -4.54
CA SER A 206 -1.54 -24.75 -5.32
CA SER A 206 -1.56 -24.72 -5.26
C SER A 206 -0.93 -23.33 -5.38
N ILE A 207 -0.44 -22.80 -4.27
CA ILE A 207 0.25 -21.49 -4.29
C ILE A 207 1.47 -21.56 -5.20
N GLY A 208 2.20 -22.65 -5.22
CA GLY A 208 3.33 -22.80 -6.17
C GLY A 208 2.86 -22.68 -7.63
N CYS A 209 1.74 -23.32 -7.95
CA CYS A 209 1.15 -23.28 -9.30
C CYS A 209 0.70 -21.85 -9.63
N ILE A 210 0.15 -21.15 -8.63
CA ILE A 210 -0.38 -19.77 -8.82
C ILE A 210 0.80 -18.82 -9.03
N MET A 211 1.86 -19.00 -8.24
CA MET A 211 3.10 -18.22 -8.39
C MET A 211 3.66 -18.41 -9.79
N TYR A 212 3.86 -19.64 -10.24
CA TYR A 212 4.35 -19.91 -11.62
C TYR A 212 3.44 -19.18 -12.62
N THR A 213 2.13 -19.31 -12.45
CA THR A 213 1.19 -18.73 -13.43
C THR A 213 1.28 -17.19 -13.44
N LEU A 214 1.36 -16.54 -12.29
CA LEU A 214 1.46 -15.04 -12.24
C LEU A 214 2.75 -14.58 -12.91
N LEU A 215 3.89 -15.24 -12.70
CA LEU A 215 5.18 -14.74 -13.24
C LEU A 215 5.38 -15.21 -14.70
N VAL A 216 4.90 -16.39 -15.08
CA VAL A 216 5.18 -17.02 -16.40
C VAL A 216 4.07 -16.68 -17.40
N GLY A 217 2.83 -16.60 -16.94
CA GLY A 217 1.69 -16.23 -17.80
C GLY A 217 0.98 -17.45 -18.36
N LYS A 218 1.39 -18.66 -17.98
CA LYS A 218 0.70 -19.95 -18.30
C LYS A 218 0.85 -20.92 -17.13
N PRO A 219 0.02 -21.98 -17.05
CA PRO A 219 0.11 -22.94 -15.94
C PRO A 219 1.31 -23.86 -16.08
N PRO A 220 1.88 -24.35 -14.95
CA PRO A 220 3.05 -25.19 -15.04
C PRO A 220 2.79 -26.60 -15.62
N PHE A 221 1.62 -27.22 -15.41
CA PHE A 221 1.51 -28.67 -15.78
C PHE A 221 0.47 -28.89 -16.89
N GLU A 222 -0.60 -28.08 -16.89
CA GLU A 222 -1.76 -28.22 -17.79
C GLU A 222 -1.27 -28.32 -19.24
N THR A 223 -1.65 -29.42 -19.90
CA THR A 223 -1.69 -29.61 -21.37
C THR A 223 -3.14 -29.85 -21.79
N SER A 224 -3.33 -30.21 -23.06
CA SER A 224 -4.64 -30.54 -23.68
C SER A 224 -5.20 -31.85 -23.08
N CYS A 225 -4.33 -32.78 -22.66
CA CYS A 225 -4.71 -34.17 -22.23
CA CYS A 225 -4.73 -34.16 -22.22
C CYS A 225 -4.58 -34.27 -20.69
N LEU A 226 -5.69 -34.52 -19.99
CA LEU A 226 -5.68 -34.65 -18.51
C LEU A 226 -4.69 -35.75 -18.06
N LYS A 227 -4.57 -36.82 -18.84
CA LYS A 227 -3.63 -37.94 -18.58
C LYS A 227 -2.17 -37.46 -18.65
N GLU A 228 -1.79 -36.72 -19.70
CA GLU A 228 -0.40 -36.20 -19.84
C GLU A 228 -0.12 -35.28 -18.63
N THR A 229 -1.05 -34.38 -18.31
CA THR A 229 -0.93 -33.44 -17.17
C THR A 229 -0.60 -34.23 -15.90
N TYR A 230 -1.39 -35.27 -15.56
CA TYR A 230 -1.29 -36.03 -14.28
C TYR A 230 0.05 -36.77 -14.21
N LEU A 231 0.51 -37.31 -15.33
CA LEU A 231 1.84 -37.94 -15.48
C LEU A 231 2.94 -36.91 -15.21
N ARG A 232 2.77 -35.69 -15.74
CA ARG A 232 3.75 -34.58 -15.51
C ARG A 232 3.76 -34.23 -14.00
N ILE A 233 2.60 -34.16 -13.36
CA ILE A 233 2.55 -33.89 -11.90
C ILE A 233 3.28 -35.02 -11.16
N LYS A 234 2.93 -36.28 -11.44
CA LYS A 234 3.47 -37.44 -10.70
C LYS A 234 4.99 -37.44 -10.82
N LYS A 235 5.55 -37.02 -11.95
CA LYS A 235 7.00 -37.08 -12.29
C LYS A 235 7.70 -35.75 -11.97
N ASN A 236 6.95 -34.77 -11.47
CA ASN A 236 7.44 -33.40 -11.17
C ASN A 236 8.11 -32.78 -12.41
N GLU A 237 7.51 -32.94 -13.59
CA GLU A 237 8.06 -32.41 -14.86
C GLU A 237 7.40 -31.06 -15.19
N TYR A 238 8.17 -29.99 -15.12
CA TYR A 238 7.75 -28.62 -15.52
C TYR A 238 9.05 -27.86 -15.80
N SER A 239 9.01 -26.80 -16.61
CA SER A 239 10.18 -25.93 -16.83
C SER A 239 9.80 -24.48 -16.50
N ILE A 240 10.64 -23.85 -15.68
CA ILE A 240 10.64 -22.42 -15.36
C ILE A 240 11.45 -21.73 -16.44
N PRO A 241 10.88 -20.80 -17.24
CA PRO A 241 11.64 -20.13 -18.28
C PRO A 241 12.81 -19.37 -17.63
N LYS A 242 13.86 -19.13 -18.41
CA LYS A 242 15.20 -18.69 -17.94
C LYS A 242 15.16 -17.22 -17.52
N HIS A 243 14.15 -16.46 -17.95
CA HIS A 243 13.97 -15.02 -17.63
C HIS A 243 13.41 -14.80 -16.21
N ILE A 244 12.84 -15.80 -15.54
CA ILE A 244 12.41 -15.70 -14.11
C ILE A 244 13.65 -15.46 -13.23
N ASN A 245 13.58 -14.52 -12.28
CA ASN A 245 14.73 -14.24 -11.40
C ASN A 245 15.06 -15.48 -10.60
N PRO A 246 16.34 -15.70 -10.26
CA PRO A 246 16.72 -16.91 -9.51
C PRO A 246 15.97 -17.09 -8.18
N VAL A 247 15.71 -16.03 -7.42
CA VAL A 247 15.09 -16.21 -6.08
C VAL A 247 13.64 -16.72 -6.23
N ALA A 248 12.95 -16.21 -7.24
CA ALA A 248 11.56 -16.57 -7.59
C ALA A 248 11.55 -18.02 -8.08
N ALA A 249 12.43 -18.37 -9.02
CA ALA A 249 12.56 -19.73 -9.58
C ALA A 249 12.77 -20.71 -8.43
N SER A 250 13.72 -20.43 -7.53
CA SER A 250 14.04 -21.29 -6.36
C SER A 250 12.80 -21.48 -5.49
N LEU A 251 12.01 -20.42 -5.25
CA LEU A 251 10.79 -20.58 -4.40
C LEU A 251 9.73 -21.43 -5.13
N ILE A 252 9.54 -21.26 -6.45
CA ILE A 252 8.64 -22.17 -7.22
C ILE A 252 9.12 -23.63 -7.02
N GLN A 253 10.42 -23.88 -7.06
CA GLN A 253 10.98 -25.26 -6.92
C GLN A 253 10.76 -25.78 -5.50
N LYS A 254 10.79 -24.95 -4.46
CA LYS A 254 10.54 -25.45 -3.09
C LYS A 254 9.08 -25.93 -2.98
N MET A 255 8.16 -25.20 -3.59
CA MET A 255 6.72 -25.50 -3.48
C MET A 255 6.34 -26.64 -4.43
N LEU A 256 6.91 -26.71 -5.63
CA LEU A 256 6.57 -27.75 -6.65
C LEU A 256 7.56 -28.91 -6.52
N GLN A 257 7.41 -29.65 -5.41
CA GLN A 257 8.14 -30.90 -5.10
C GLN A 257 7.15 -32.01 -4.81
N THR A 258 7.44 -33.22 -5.28
CA THR A 258 6.58 -34.41 -5.15
C THR A 258 6.37 -34.72 -3.66
N ASP A 259 7.45 -34.84 -2.88
CA ASP A 259 7.37 -35.17 -1.44
C ASP A 259 6.77 -33.97 -0.72
N PRO A 260 5.55 -34.07 -0.18
CA PRO A 260 4.94 -32.94 0.52
C PRO A 260 5.69 -32.48 1.79
N THR A 261 6.37 -33.39 2.50
CA THR A 261 7.14 -33.02 3.72
C THR A 261 8.34 -32.15 3.34
N ALA A 262 8.73 -32.07 2.05
CA ALA A 262 9.89 -31.26 1.58
C ALA A 262 9.48 -29.83 1.20
N ARG A 263 8.19 -29.57 0.98
CA ARG A 263 7.73 -28.20 0.65
C ARG A 263 7.85 -27.34 1.90
N PRO A 264 7.97 -26.01 1.79
CA PRO A 264 7.90 -25.17 2.97
C PRO A 264 6.48 -25.17 3.58
N THR A 265 6.38 -25.04 4.90
CA THR A 265 5.08 -24.74 5.56
C THR A 265 4.67 -23.32 5.12
N ILE A 266 3.43 -22.95 5.39
CA ILE A 266 2.83 -21.68 4.91
C ILE A 266 3.65 -20.55 5.56
N ASN A 267 4.10 -20.71 6.79
CA ASN A 267 4.95 -19.70 7.48
C ASN A 267 6.36 -19.65 6.87
N GLU A 268 6.99 -20.78 6.59
CA GLU A 268 8.30 -20.80 5.88
C GLU A 268 8.18 -20.15 4.50
N LEU A 269 7.03 -20.32 3.84
CA LEU A 269 6.76 -19.71 2.51
C LEU A 269 6.68 -18.18 2.70
N LEU A 270 5.96 -17.71 3.74
CA LEU A 270 5.76 -16.26 4.01
C LEU A 270 7.12 -15.60 4.23
N ASN A 271 8.04 -16.30 4.87
CA ASN A 271 9.40 -15.81 5.24
C ASN A 271 10.39 -16.06 4.11
N ASP A 272 9.97 -16.57 2.94
CA ASP A 272 10.95 -16.84 1.87
C ASP A 272 11.63 -15.49 1.49
N GLU A 273 12.86 -15.58 1.02
CA GLU A 273 13.68 -14.47 0.51
C GLU A 273 12.93 -13.74 -0.62
N PHE A 274 12.12 -14.45 -1.41
CA PHE A 274 11.34 -13.85 -2.53
C PHE A 274 10.59 -12.61 -2.06
N PHE A 275 10.01 -12.63 -0.85
CA PHE A 275 9.12 -11.56 -0.35
C PHE A 275 9.91 -10.32 0.03
N THR A 276 11.24 -10.40 0.10
CA THR A 276 12.17 -9.29 0.54
C THR A 276 13.27 -9.02 -0.51
N SER A 277 13.43 -9.85 -1.55
CA SER A 277 14.52 -9.79 -2.55
C SER A 277 14.34 -8.58 -3.49
N GLY A 278 13.13 -8.01 -3.67
CA GLY A 278 12.94 -6.81 -4.51
C GLY A 278 11.81 -5.92 -4.02
N TYR A 279 11.38 -5.00 -4.89
CA TYR A 279 10.42 -3.93 -4.58
C TYR A 279 9.08 -4.52 -4.12
N ILE A 280 8.55 -3.93 -3.05
CA ILE A 280 7.25 -4.29 -2.42
C ILE A 280 6.31 -3.12 -2.64
N PRO A 281 5.44 -3.12 -3.67
CA PRO A 281 4.53 -2.01 -3.87
C PRO A 281 3.64 -1.85 -2.63
N ALA A 282 3.41 -0.60 -2.27
CA ALA A 282 2.43 -0.16 -1.25
C ALA A 282 1.03 -0.37 -1.82
N ARG A 283 0.76 0.31 -2.91
CA ARG A 283 -0.52 0.41 -3.68
C ARG A 283 -0.28 -0.01 -5.14
N LEU A 284 -1.13 -0.82 -5.77
CA LEU A 284 -1.06 -0.86 -7.26
C LEU A 284 -2.06 0.16 -7.84
N PRO A 285 -1.70 0.92 -8.89
CA PRO A 285 -2.68 1.74 -9.60
C PRO A 285 -3.74 0.84 -10.30
N ILE A 286 -4.93 1.39 -10.50
CA ILE A 286 -6.08 0.71 -11.11
CA ILE A 286 -6.08 0.67 -11.10
C ILE A 286 -5.77 0.36 -12.57
N THR A 287 -4.86 1.08 -13.20
CA THR A 287 -4.35 0.73 -14.55
C THR A 287 -3.76 -0.69 -14.55
N CYS A 288 -3.28 -1.22 -13.42
CA CYS A 288 -2.60 -2.56 -13.34
CA CYS A 288 -2.59 -2.55 -13.36
C CYS A 288 -3.57 -3.69 -13.70
N LEU A 289 -4.87 -3.42 -13.73
CA LEU A 289 -5.84 -4.44 -14.15
C LEU A 289 -5.79 -4.68 -15.68
N THR A 290 -5.20 -3.78 -16.46
CA THR A 290 -5.28 -3.79 -17.93
C THR A 290 -3.90 -3.68 -18.60
N ILE A 291 -2.97 -2.92 -18.03
CA ILE A 291 -1.66 -2.65 -18.70
C ILE A 291 -0.58 -2.68 -17.63
N PRO A 292 0.69 -2.96 -17.98
CA PRO A 292 1.74 -3.06 -16.99
C PRO A 292 2.08 -1.73 -16.30
N PRO A 293 2.49 -1.76 -15.01
CA PRO A 293 2.97 -0.55 -14.32
C PRO A 293 4.48 -0.33 -14.56
N ARG A 294 5.02 0.83 -14.22
CA ARG A 294 6.48 1.15 -14.38
C ARG A 294 7.27 0.83 -13.10
N PHE A 295 7.13 1.66 -12.05
CA PHE A 295 7.83 1.48 -10.74
C PHE A 295 7.02 0.49 -9.89
N SER A 296 6.84 -0.75 -10.38
CA SER A 296 5.99 -1.85 -9.81
C SER A 296 5.95 -3.04 -10.78
N ALA B 7 34.47 30.56 9.99
CA ALA B 7 34.25 31.80 9.19
C ALA B 7 33.51 31.49 7.87
N LYS B 8 34.19 30.86 6.90
CA LYS B 8 33.92 30.96 5.44
C LYS B 8 32.50 30.45 5.10
N GLU B 9 31.81 31.18 4.21
CA GLU B 9 30.39 30.93 3.83
C GLU B 9 30.35 29.85 2.76
N ILE B 10 29.22 29.15 2.67
CA ILE B 10 28.96 28.03 1.71
C ILE B 10 28.81 28.65 0.33
N PRO B 11 29.42 28.10 -0.75
CA PRO B 11 29.18 28.63 -2.09
C PRO B 11 27.68 28.52 -2.41
N GLU B 12 27.12 29.56 -3.02
CA GLU B 12 25.71 29.65 -3.47
C GLU B 12 25.47 28.61 -4.57
N VAL B 13 26.51 28.29 -5.37
CA VAL B 13 26.47 27.25 -6.43
C VAL B 13 27.62 26.25 -6.21
N LEU B 14 27.27 24.98 -6.00
CA LEU B 14 28.25 23.90 -5.72
C LEU B 14 28.75 23.34 -7.06
N VAL B 15 30.06 23.33 -7.27
CA VAL B 15 30.71 22.80 -8.51
C VAL B 15 31.45 21.49 -8.19
N ASP B 16 30.99 20.34 -8.72
CA ASP B 16 31.78 19.08 -8.71
C ASP B 16 32.86 19.21 -9.79
N PRO B 17 34.17 19.20 -9.44
CA PRO B 17 35.22 19.32 -10.45
C PRO B 17 35.40 18.08 -11.34
N ARG B 18 34.89 16.91 -10.94
CA ARG B 18 34.93 15.68 -11.77
C ARG B 18 33.83 15.74 -12.84
N SER B 19 32.55 15.61 -12.44
CA SER B 19 31.38 15.45 -13.34
C SER B 19 31.04 16.77 -14.05
N ARG B 20 31.44 17.90 -13.45
CA ARG B 20 31.20 19.29 -13.91
C ARG B 20 29.75 19.68 -13.58
N ARG B 21 29.00 18.81 -12.89
CA ARG B 21 27.60 19.09 -12.49
C ARG B 21 27.64 20.27 -11.52
N ARG B 22 26.77 21.25 -11.76
CA ARG B 22 26.62 22.48 -10.92
C ARG B 22 25.30 22.34 -10.14
N TYR B 23 25.30 22.61 -8.83
CA TYR B 23 24.10 22.50 -7.95
C TYR B 23 23.80 23.86 -7.32
N VAL B 24 22.60 24.40 -7.53
CA VAL B 24 22.17 25.69 -6.89
C VAL B 24 21.72 25.35 -5.47
N ARG B 25 22.27 26.04 -4.45
CA ARG B 25 21.87 25.87 -3.03
C ARG B 25 20.53 26.59 -2.79
N GLY B 26 19.51 25.87 -2.34
CA GLY B 26 18.23 26.45 -1.90
C GLY B 26 18.11 26.47 -0.39
N ARG B 27 16.93 26.11 0.13
CA ARG B 27 16.56 26.26 1.56
C ARG B 27 17.31 25.29 2.47
N PHE B 28 17.68 25.80 3.65
CA PHE B 28 18.08 25.00 4.84
C PHE B 28 17.02 23.92 5.12
N LEU B 29 17.46 22.68 5.36
CA LEU B 29 16.57 21.53 5.70
C LEU B 29 16.83 21.03 7.13
N GLY B 30 18.09 20.95 7.56
CA GLY B 30 18.43 20.36 8.87
C GLY B 30 19.91 20.41 9.16
N LYS B 31 20.29 20.17 10.41
CA LYS B 31 21.72 20.14 10.84
C LYS B 31 21.90 19.16 12.01
N GLY B 32 23.15 18.76 12.28
CA GLY B 32 23.49 17.82 13.36
C GLY B 32 24.93 17.40 13.24
N GLY B 33 25.64 17.29 14.38
CA GLY B 33 27.11 17.12 14.42
C GLY B 33 27.74 18.19 13.57
N PHE B 34 28.59 17.83 12.61
CA PHE B 34 29.39 18.78 11.77
C PHE B 34 28.63 19.18 10.50
N ALA B 35 27.40 18.69 10.28
CA ALA B 35 26.71 18.76 8.97
C ALA B 35 25.55 19.76 9.01
N LYS B 36 25.41 20.55 7.94
CA LYS B 36 24.16 21.24 7.57
C LYS B 36 23.62 20.54 6.32
N CYS B 37 22.29 20.50 6.15
CA CYS B 37 21.67 19.86 4.97
C CYS B 37 20.76 20.87 4.26
N PHE B 38 20.90 20.99 2.94
CA PHE B 38 20.22 21.99 2.08
C PHE B 38 19.53 21.30 0.89
N GLU B 39 18.36 21.81 0.52
CA GLU B 39 17.76 21.61 -0.82
C GLU B 39 18.75 22.12 -1.88
N ILE B 40 19.13 21.26 -2.83
CA ILE B 40 20.03 21.63 -3.98
C ILE B 40 19.43 21.10 -5.30
N SER B 41 19.76 21.73 -6.43
CA SER B 41 19.23 21.31 -7.75
C SER B 41 20.34 21.36 -8.81
N ASP B 42 20.42 20.30 -9.62
CA ASP B 42 21.16 20.26 -10.91
C ASP B 42 20.68 21.43 -11.80
N ALA B 43 21.58 22.36 -12.14
CA ALA B 43 21.27 23.59 -12.91
C ALA B 43 20.85 23.21 -14.33
N ASP B 44 21.23 22.02 -14.80
CA ASP B 44 21.01 21.53 -16.20
C ASP B 44 19.77 20.63 -16.24
N THR B 45 19.71 19.58 -15.39
CA THR B 45 18.69 18.50 -15.43
C THR B 45 17.44 18.87 -14.61
N LYS B 46 17.50 19.92 -13.77
CA LYS B 46 16.38 20.39 -12.89
C LYS B 46 16.15 19.45 -11.69
N GLU B 47 16.94 18.36 -11.56
CA GLU B 47 16.75 17.33 -10.50
CA GLU B 47 16.71 17.34 -10.49
C GLU B 47 17.02 17.98 -9.13
N VAL B 48 16.18 17.68 -8.14
CA VAL B 48 16.29 18.24 -6.76
C VAL B 48 16.74 17.13 -5.81
N PHE B 49 17.71 17.44 -4.94
CA PHE B 49 18.40 16.54 -3.99
C PHE B 49 18.52 17.18 -2.60
N ALA B 50 18.80 16.38 -1.58
CA ALA B 50 19.30 16.87 -0.27
C ALA B 50 20.83 16.88 -0.32
N GLY B 51 21.42 18.02 0.02
CA GLY B 51 22.89 18.14 0.04
C GLY B 51 23.36 18.18 1.47
N LYS B 52 24.24 17.24 1.88
CA LYS B 52 25.07 17.39 3.12
C LYS B 52 26.23 18.33 2.82
N ILE B 53 26.40 19.35 3.65
CA ILE B 53 27.53 20.31 3.52
C ILE B 53 28.25 20.36 4.87
N VAL B 54 29.55 20.03 4.81
CA VAL B 54 30.43 19.84 6.00
C VAL B 54 31.66 20.70 5.77
N PRO B 55 31.92 21.69 6.67
CA PRO B 55 33.12 22.50 6.59
C PRO B 55 34.32 21.62 6.97
N LYS B 56 35.39 21.68 6.17
CA LYS B 56 36.68 20.99 6.45
C LYS B 56 37.28 21.57 7.74
N SER B 57 36.88 22.78 8.16
CA SER B 57 37.28 23.37 9.48
C SER B 57 36.77 22.49 10.64
N LEU B 58 35.75 21.64 10.43
CA LEU B 58 35.23 20.74 11.52
C LEU B 58 35.74 19.31 11.31
N LEU B 59 36.70 19.12 10.38
CA LEU B 59 37.26 17.80 10.00
C LEU B 59 38.78 17.79 10.22
N LEU B 60 39.29 18.62 11.14
CA LEU B 60 40.75 18.70 11.37
C LEU B 60 41.21 17.52 12.24
N LYS B 61 40.34 16.97 13.09
CA LYS B 61 40.68 15.82 14.00
C LYS B 61 40.71 14.51 13.20
N PRO B 62 41.46 13.48 13.63
CA PRO B 62 41.54 12.22 12.89
C PRO B 62 40.20 11.49 12.90
N HIS B 63 39.59 11.36 14.08
CA HIS B 63 38.30 10.66 14.30
C HIS B 63 37.13 11.37 13.59
N GLN B 64 37.28 12.67 13.26
CA GLN B 64 36.24 13.52 12.60
C GLN B 64 36.34 13.35 11.08
N ARG B 65 37.55 13.50 10.51
CA ARG B 65 37.85 13.20 9.09
C ARG B 65 37.45 11.74 8.81
N GLU B 66 37.73 10.83 9.75
CA GLU B 66 37.35 9.40 9.63
C GLU B 66 35.83 9.27 9.52
N LYS B 67 35.04 9.92 10.38
CA LYS B 67 33.54 9.85 10.35
C LYS B 67 32.97 10.31 8.99
N MET B 68 33.46 11.43 8.43
CA MET B 68 32.98 11.98 7.13
C MET B 68 33.27 10.95 6.04
N SER B 69 34.49 10.42 6.01
CA SER B 69 34.97 9.41 5.03
C SER B 69 34.20 8.09 5.22
N MET B 70 33.90 7.69 6.46
CA MET B 70 33.16 6.44 6.80
C MET B 70 31.72 6.56 6.29
N GLU B 71 31.08 7.70 6.53
CA GLU B 71 29.69 7.92 6.04
C GLU B 71 29.67 7.74 4.52
N ILE B 72 30.65 8.30 3.80
CA ILE B 72 30.70 8.31 2.32
C ILE B 72 30.95 6.88 1.82
N SER B 73 31.93 6.16 2.37
CA SER B 73 32.33 4.80 1.88
C SER B 73 31.22 3.80 2.16
N ILE B 74 30.48 3.96 3.25
CA ILE B 74 29.35 3.04 3.61
C ILE B 74 28.13 3.33 2.71
N HIS B 75 27.65 4.57 2.69
CA HIS B 75 26.37 4.97 2.03
C HIS B 75 26.49 4.81 0.51
N ARG B 76 27.65 5.12 -0.08
CA ARG B 76 27.84 5.01 -1.56
C ARG B 76 27.63 3.55 -2.02
N SER B 77 27.78 2.56 -1.13
CA SER B 77 27.71 1.11 -1.46
C SER B 77 26.29 0.58 -1.23
N LEU B 78 25.37 1.43 -0.79
CA LEU B 78 23.99 1.01 -0.38
C LEU B 78 22.97 1.51 -1.41
N ALA B 79 21.98 0.67 -1.71
CA ALA B 79 20.78 0.97 -2.53
C ALA B 79 19.68 -0.05 -2.15
N HIS B 80 18.55 0.45 -1.63
CA HIS B 80 17.39 -0.34 -1.17
C HIS B 80 16.16 0.57 -1.07
N GLN B 81 14.98 -0.01 -1.26
CA GLN B 81 13.63 0.58 -1.06
C GLN B 81 13.59 1.43 0.21
N HIS B 82 14.23 0.96 1.29
CA HIS B 82 14.10 1.53 2.66
C HIS B 82 15.42 2.19 3.13
N VAL B 83 16.28 2.61 2.20
CA VAL B 83 17.51 3.37 2.53
C VAL B 83 17.63 4.64 1.68
N VAL B 84 17.93 5.76 2.32
CA VAL B 84 18.16 7.04 1.60
C VAL B 84 18.99 6.83 0.32
N GLY B 85 18.51 7.35 -0.82
CA GLY B 85 19.28 7.34 -2.08
C GLY B 85 20.62 8.03 -1.95
N PHE B 86 21.70 7.39 -2.42
CA PHE B 86 23.06 8.00 -2.51
C PHE B 86 23.34 8.37 -3.97
N HIS B 87 23.48 9.67 -4.25
CA HIS B 87 23.61 10.21 -5.64
C HIS B 87 25.05 10.66 -5.94
N GLY B 88 25.84 10.99 -4.91
CA GLY B 88 27.26 11.30 -5.14
C GLY B 88 27.87 12.15 -4.04
N PHE B 89 29.14 12.53 -4.22
CA PHE B 89 29.90 13.37 -3.27
C PHE B 89 31.01 14.08 -4.04
N PHE B 90 31.39 15.25 -3.54
CA PHE B 90 32.54 16.01 -4.06
C PHE B 90 33.00 16.97 -2.96
N GLU B 91 34.11 17.66 -3.21
CA GLU B 91 34.69 18.65 -2.28
C GLU B 91 35.26 19.81 -3.08
N ASP B 92 35.32 20.99 -2.46
CA ASP B 92 36.16 22.13 -2.93
C ASP B 92 37.28 22.32 -1.89
N ASN B 93 37.84 23.52 -1.75
CA ASN B 93 38.97 23.79 -0.83
C ASN B 93 38.44 23.81 0.62
N ASP B 94 37.16 24.13 0.84
CA ASP B 94 36.62 24.52 2.17
C ASP B 94 35.53 23.55 2.69
N PHE B 95 34.90 22.74 1.83
CA PHE B 95 33.68 21.97 2.18
C PHE B 95 33.75 20.56 1.59
N VAL B 96 33.04 19.64 2.23
CA VAL B 96 32.65 18.34 1.60
C VAL B 96 31.15 18.41 1.32
N PHE B 97 30.74 17.92 0.14
CA PHE B 97 29.34 17.91 -0.34
C PHE B 97 28.92 16.45 -0.60
N VAL B 98 27.83 15.98 0.00
CA VAL B 98 27.23 14.63 -0.26
C VAL B 98 25.78 14.78 -0.76
N VAL B 99 25.54 14.30 -1.98
CA VAL B 99 24.25 14.45 -2.73
C VAL B 99 23.36 13.23 -2.45
N LEU B 100 22.20 13.48 -1.81
CA LEU B 100 21.28 12.48 -1.24
C LEU B 100 19.83 12.68 -1.74
N GLU B 101 19.05 11.60 -1.62
CA GLU B 101 17.59 11.57 -1.83
C GLU B 101 16.94 12.58 -0.89
N LEU B 102 16.19 13.52 -1.45
CA LEU B 102 15.32 14.42 -0.68
C LEU B 102 14.08 13.61 -0.30
N CYS B 103 13.77 13.53 0.99
CA CYS B 103 12.59 12.81 1.55
C CYS B 103 11.65 13.93 2.04
N ARG B 104 10.62 14.23 1.24
CA ARG B 104 9.88 15.49 1.32
C ARG B 104 8.88 15.44 2.47
N ARG B 105 8.67 14.28 3.12
CA ARG B 105 7.64 14.16 4.20
C ARG B 105 8.33 14.02 5.58
N ARG B 106 9.52 14.57 5.71
CA ARG B 106 10.24 14.71 7.00
C ARG B 106 10.52 13.32 7.51
N SER B 107 10.26 13.05 8.80
CA SER B 107 10.71 11.82 9.50
C SER B 107 9.66 11.39 10.51
N LEU B 108 9.81 10.21 11.07
CA LEU B 108 8.94 9.75 12.19
C LEU B 108 9.05 10.68 13.41
N LEU B 109 10.10 11.48 13.60
CA LEU B 109 10.13 12.43 14.75
C LEU B 109 9.00 13.47 14.60
N GLU B 110 8.82 14.02 13.39
CA GLU B 110 7.76 15.03 13.15
C GLU B 110 6.40 14.37 13.33
N LEU B 111 6.23 13.18 12.79
CA LEU B 111 4.98 12.40 12.93
C LEU B 111 4.71 12.17 14.43
N HIS B 112 5.74 11.77 15.18
CA HIS B 112 5.61 11.45 16.61
C HIS B 112 5.20 12.71 17.36
N LYS B 113 5.80 13.85 17.07
CA LYS B 113 5.48 15.08 17.83
C LYS B 113 4.02 15.49 17.57
N ARG B 114 3.48 15.25 16.39
CA ARG B 114 2.10 15.69 16.10
C ARG B 114 1.09 14.66 16.60
N ARG B 115 1.38 13.38 16.42
CA ARG B 115 0.37 12.33 16.65
C ARG B 115 0.51 11.70 18.05
N LYS B 116 1.70 11.74 18.64
CA LYS B 116 2.00 10.92 19.85
C LYS B 116 1.72 9.42 19.57
N ALA B 117 0.98 8.71 20.40
CA ALA B 117 0.70 7.26 20.15
C ALA B 117 -0.03 7.07 18.80
N LEU B 118 0.49 6.21 17.94
CA LEU B 118 -0.18 5.82 16.66
C LEU B 118 -1.21 4.72 16.94
N THR B 119 -2.19 4.53 16.07
CA THR B 119 -2.97 3.27 16.12
C THR B 119 -2.05 2.08 15.82
N GLU B 120 -2.42 0.85 16.22
CA GLU B 120 -1.54 -0.32 16.06
C GLU B 120 -1.30 -0.61 14.58
N PRO B 121 -2.35 -0.63 13.72
CA PRO B 121 -2.13 -0.83 12.28
C PRO B 121 -1.09 0.15 11.71
N GLU B 122 -1.15 1.40 12.15
CA GLU B 122 -0.14 2.41 11.72
C GLU B 122 1.24 1.99 12.20
N ALA B 123 1.37 1.58 13.46
CA ALA B 123 2.68 1.15 14.00
C ALA B 123 3.19 -0.05 13.21
N ARG B 124 2.29 -0.96 12.84
CA ARG B 124 2.61 -2.17 12.03
C ARG B 124 3.14 -1.76 10.65
N TYR B 125 2.50 -0.81 10.01
CA TYR B 125 2.91 -0.31 8.68
C TYR B 125 4.33 0.22 8.75
N TYR B 126 4.61 1.08 9.73
CA TYR B 126 5.91 1.77 9.79
C TYR B 126 6.98 0.75 10.24
N LEU B 127 6.66 -0.06 11.23
CA LEU B 127 7.70 -0.93 11.86
C LEU B 127 8.23 -1.91 10.80
N ARG B 128 7.35 -2.50 9.96
CA ARG B 128 7.82 -3.46 8.95
C ARG B 128 8.86 -2.79 8.02
N GLN B 129 8.64 -1.54 7.60
CA GLN B 129 9.55 -0.91 6.61
C GLN B 129 10.92 -0.63 7.25
N ILE B 130 10.93 -0.26 8.54
CA ILE B 130 12.17 0.00 9.33
C ILE B 130 12.98 -1.31 9.38
N VAL B 131 12.35 -2.40 9.81
CA VAL B 131 12.92 -3.77 9.85
C VAL B 131 13.50 -4.19 8.48
N LEU B 132 12.77 -3.97 7.38
CA LEU B 132 13.27 -4.39 6.04
C LEU B 132 14.53 -3.60 5.66
N GLY B 133 14.55 -2.30 5.91
CA GLY B 133 15.73 -1.47 5.61
C GLY B 133 16.94 -1.95 6.39
N CYS B 134 16.72 -2.30 7.65
CA CYS B 134 17.80 -2.74 8.57
C CYS B 134 18.28 -4.16 8.22
N GLN B 135 17.37 -5.00 7.73
CA GLN B 135 17.74 -6.38 7.33
C GLN B 135 18.70 -6.26 6.14
N TYR B 136 18.35 -5.44 5.14
CA TYR B 136 19.25 -5.15 4.00
C TYR B 136 20.61 -4.63 4.54
N LEU B 137 20.63 -3.77 5.57
CA LEU B 137 21.90 -3.25 6.15
C LEU B 137 22.68 -4.41 6.76
N HIS B 138 22.07 -5.20 7.67
CA HIS B 138 22.74 -6.33 8.40
C HIS B 138 23.30 -7.34 7.42
N ARG B 139 22.59 -7.62 6.32
CA ARG B 139 23.05 -8.61 5.33
C ARG B 139 24.18 -8.04 4.46
N ASN B 140 24.32 -6.72 4.37
CA ASN B 140 25.46 -6.08 3.66
C ASN B 140 26.56 -5.72 4.68
N ARG B 141 26.48 -6.28 5.91
CA ARG B 141 27.50 -6.21 7.00
C ARG B 141 27.58 -4.80 7.55
N VAL B 142 26.52 -4.00 7.42
CA VAL B 142 26.50 -2.60 7.96
C VAL B 142 25.69 -2.62 9.26
N ILE B 143 26.26 -2.06 10.34
CA ILE B 143 25.52 -1.66 11.58
C ILE B 143 25.29 -0.15 11.51
N HIS B 144 24.00 0.24 11.44
CA HIS B 144 23.46 1.53 11.91
C HIS B 144 23.55 1.47 13.45
N ARG B 145 23.97 2.51 14.13
CA ARG B 145 24.20 2.31 15.59
C ARG B 145 23.25 3.26 16.33
N ASP B 146 22.68 4.17 15.51
CA ASP B 146 21.98 5.42 15.88
C ASP B 146 20.59 5.48 15.22
N LEU B 147 19.85 4.37 15.16
CA LEU B 147 18.47 4.37 14.69
C LEU B 147 17.64 5.25 15.63
N LYS B 148 16.90 6.20 15.06
CA LYS B 148 16.07 7.13 15.87
C LYS B 148 14.96 7.66 14.96
N LEU B 149 13.82 8.05 15.56
CA LEU B 149 12.68 8.62 14.82
C LEU B 149 13.20 9.58 13.74
N GLY B 150 14.18 10.41 14.09
CA GLY B 150 14.69 11.55 13.29
C GLY B 150 15.47 11.16 12.04
N ASN B 151 15.96 9.92 11.92
CA ASN B 151 16.66 9.45 10.68
C ASN B 151 15.91 8.28 10.02
N LEU B 152 14.65 8.10 10.44
CA LEU B 152 13.62 7.29 9.76
C LEU B 152 12.76 8.25 8.96
N PHE B 153 13.27 8.57 7.78
CA PHE B 153 12.72 9.58 6.85
C PHE B 153 11.54 8.97 6.10
N LEU B 154 10.62 9.83 5.68
CA LEU B 154 9.43 9.46 4.88
C LEU B 154 9.53 10.15 3.54
N ASN B 155 9.30 9.40 2.46
CA ASN B 155 9.19 10.03 1.11
C ASN B 155 7.74 10.42 0.81
N GLU B 156 7.42 10.78 -0.44
CA GLU B 156 6.06 11.24 -0.88
C GLU B 156 5.00 10.16 -0.63
N ASP B 157 5.39 8.89 -0.62
CA ASP B 157 4.46 7.74 -0.47
C ASP B 157 4.42 7.28 1.01
N LEU B 158 4.91 8.11 1.93
CA LEU B 158 5.03 7.75 3.37
C LEU B 158 5.70 6.37 3.49
N GLU B 159 6.72 6.18 2.66
CA GLU B 159 7.65 5.04 2.76
C GLU B 159 8.87 5.40 3.62
N VAL B 160 9.21 4.58 4.61
CA VAL B 160 10.40 4.76 5.48
C VAL B 160 11.72 4.61 4.69
N LYS B 161 12.61 5.58 4.84
CA LYS B 161 13.99 5.60 4.26
C LYS B 161 15.03 5.79 5.38
N ILE B 162 15.85 4.78 5.66
CA ILE B 162 16.90 4.91 6.71
C ILE B 162 18.03 5.78 6.16
N GLY B 163 18.42 6.78 6.96
CA GLY B 163 19.51 7.73 6.65
C GLY B 163 20.51 7.90 7.78
N ASP B 164 21.44 8.83 7.57
CA ASP B 164 22.41 9.32 8.57
C ASP B 164 23.36 8.16 8.95
N PHE B 165 24.32 7.85 8.08
CA PHE B 165 25.30 6.74 8.21
C PHE B 165 26.64 7.23 8.79
N GLY B 166 26.68 8.40 9.43
CA GLY B 166 27.88 9.00 10.05
C GLY B 166 28.30 8.38 11.39
N LEU B 167 27.52 7.45 11.94
CA LEU B 167 27.79 6.68 13.19
C LEU B 167 27.92 5.20 12.81
N ALA B 168 27.80 4.87 11.52
CA ALA B 168 27.67 3.48 11.02
C ALA B 168 29.05 2.85 10.85
N THR B 169 29.14 1.52 10.87
CA THR B 169 30.41 0.78 10.71
C THR B 169 30.16 -0.49 9.88
N LYS B 170 31.24 -1.10 9.37
CA LYS B 170 31.18 -2.31 8.49
C LYS B 170 31.76 -3.47 9.30
N VAL B 171 31.00 -4.55 9.52
CA VAL B 171 31.52 -5.81 10.13
C VAL B 171 32.38 -6.56 9.09
N GLU B 172 33.65 -6.81 9.41
CA GLU B 172 34.72 -7.33 8.51
C GLU B 172 34.82 -8.85 8.61
N TYR B 173 34.48 -9.45 9.75
CA TYR B 173 34.38 -10.94 9.89
C TYR B 173 33.19 -11.34 10.76
N ASP B 174 32.82 -12.62 10.69
CA ASP B 174 31.81 -13.29 11.54
C ASP B 174 32.24 -13.26 13.02
N GLY B 175 31.33 -12.81 13.90
CA GLY B 175 31.51 -12.68 15.36
C GLY B 175 32.36 -11.50 15.75
N GLU B 176 32.64 -10.56 14.83
CA GLU B 176 33.45 -9.35 15.12
C GLU B 176 32.67 -8.46 16.10
N ARG B 177 33.35 -7.87 17.08
CA ARG B 177 32.76 -6.97 18.11
C ARG B 177 33.52 -5.64 18.09
N LYS B 178 32.83 -4.59 17.60
CA LYS B 178 33.32 -3.18 17.62
C LYS B 178 33.44 -2.74 19.08
N LYS B 179 34.49 -1.99 19.38
CA LYS B 179 34.83 -1.54 20.75
C LYS B 179 34.49 -0.04 20.86
N THR B 180 35.01 0.75 19.92
CA THR B 180 34.70 2.21 19.73
C THR B 180 33.27 2.33 19.19
N LEU B 181 32.47 3.21 19.80
CA LEU B 181 31.14 3.65 19.30
C LEU B 181 31.32 4.88 18.42
N CYS B 182 32.34 5.71 18.69
CA CYS B 182 32.74 6.90 17.88
C CYS B 182 31.92 8.14 18.28
N GLY B 183 31.02 8.02 19.26
CA GLY B 183 30.01 9.05 19.58
C GLY B 183 28.99 8.52 20.58
N THR B 184 27.79 9.10 20.60
CA THR B 184 26.66 8.63 21.45
C THR B 184 25.49 8.22 20.56
N PRO B 185 24.97 6.98 20.65
CA PRO B 185 23.69 6.65 20.05
C PRO B 185 22.56 7.42 20.77
N ASN B 186 21.45 7.66 20.07
CA ASN B 186 20.20 8.22 20.65
C ASN B 186 19.65 7.25 21.71
N TYR B 187 19.50 5.99 21.34
CA TYR B 187 19.08 4.86 22.22
C TYR B 187 20.33 4.04 22.60
N ILE B 188 20.91 4.31 23.76
CA ILE B 188 22.10 3.56 24.24
C ILE B 188 21.70 2.13 24.65
N ALA B 189 22.15 1.10 23.92
CA ALA B 189 21.99 -0.33 24.33
C ALA B 189 22.77 -0.64 25.61
N PRO B 190 22.28 -1.55 26.48
CA PRO B 190 22.97 -1.88 27.73
C PRO B 190 24.44 -2.31 27.51
N GLU B 191 24.76 -3.00 26.41
CA GLU B 191 26.15 -3.49 26.18
C GLU B 191 27.06 -2.30 25.80
N VAL B 192 26.51 -1.24 25.19
CA VAL B 192 27.33 -0.04 24.84
C VAL B 192 27.55 0.73 26.15
N LEU B 193 26.51 0.74 26.99
CA LEU B 193 26.51 1.40 28.32
C LEU B 193 27.50 0.72 29.28
N SER B 194 27.83 -0.56 29.03
CA SER B 194 28.73 -1.40 29.88
C SER B 194 30.14 -1.45 29.29
N LYS B 195 30.40 -0.75 28.17
CA LYS B 195 31.68 -0.73 27.39
C LYS B 195 31.93 -2.10 26.71
N LYS B 196 30.89 -2.93 26.61
CA LYS B 196 30.97 -4.30 26.02
C LYS B 196 30.81 -4.20 24.48
N GLY B 197 31.83 -4.70 23.78
CA GLY B 197 31.83 -4.91 22.32
C GLY B 197 30.47 -5.33 21.79
N HIS B 198 30.08 -4.72 20.69
CA HIS B 198 28.71 -4.80 20.15
C HIS B 198 28.78 -5.13 18.66
N SER B 199 27.65 -5.51 18.11
CA SER B 199 27.50 -5.70 16.65
C SER B 199 26.04 -5.41 16.30
N PHE B 200 25.46 -6.24 15.45
CA PHE B 200 24.11 -6.06 14.87
C PHE B 200 23.08 -5.73 15.96
N GLU B 201 23.22 -6.28 17.18
CA GLU B 201 22.12 -6.32 18.18
C GLU B 201 21.80 -4.92 18.74
N VAL B 202 22.71 -3.94 18.58
CA VAL B 202 22.42 -2.53 18.98
C VAL B 202 21.28 -2.01 18.09
N ASP B 203 21.20 -2.44 16.82
CA ASP B 203 20.12 -1.98 15.89
C ASP B 203 18.77 -2.53 16.38
N VAL B 204 18.75 -3.72 16.99
CA VAL B 204 17.46 -4.36 17.41
C VAL B 204 16.99 -3.69 18.70
N TRP B 205 17.93 -3.30 19.58
CA TRP B 205 17.56 -2.59 20.82
C TRP B 205 16.79 -1.30 20.44
N SER B 206 17.39 -0.54 19.52
CA SER B 206 16.90 0.75 19.01
C SER B 206 15.47 0.60 18.47
N ILE B 207 15.25 -0.40 17.60
CA ILE B 207 13.90 -0.71 17.06
C ILE B 207 12.92 -0.99 18.21
N GLY B 208 13.36 -1.67 19.26
CA GLY B 208 12.46 -1.95 20.41
C GLY B 208 11.99 -0.66 21.08
N CYS B 209 12.92 0.29 21.22
CA CYS B 209 12.64 1.59 21.85
C CYS B 209 11.66 2.36 20.95
N ILE B 210 11.89 2.30 19.63
CA ILE B 210 11.03 3.01 18.63
C ILE B 210 9.63 2.41 18.70
N MET B 211 9.53 1.09 18.76
CA MET B 211 8.22 0.40 18.81
C MET B 211 7.43 0.86 20.06
N TYR B 212 8.03 0.79 21.23
CA TYR B 212 7.37 1.28 22.47
C TYR B 212 6.90 2.73 22.25
N THR B 213 7.76 3.56 21.67
CA THR B 213 7.44 5.00 21.50
C THR B 213 6.26 5.18 20.57
N LEU B 214 6.23 4.47 19.44
CA LEU B 214 5.10 4.61 18.47
C LEU B 214 3.78 4.19 19.13
N LEU B 215 3.76 3.09 19.89
CA LEU B 215 2.50 2.56 20.50
C LEU B 215 2.10 3.30 21.78
N VAL B 216 3.06 3.73 22.62
CA VAL B 216 2.80 4.29 23.98
C VAL B 216 2.70 5.82 23.89
N GLY B 217 3.50 6.45 23.04
CA GLY B 217 3.45 7.89 22.85
C GLY B 217 4.51 8.60 23.67
N LYS B 218 5.33 7.89 24.45
CA LYS B 218 6.55 8.43 25.12
C LYS B 218 7.66 7.37 25.11
N PRO B 219 8.93 7.72 25.37
CA PRO B 219 10.02 6.74 25.34
C PRO B 219 10.01 5.78 26.53
N PRO B 220 10.53 4.55 26.38
CA PRO B 220 10.54 3.60 27.49
C PRO B 220 11.51 3.98 28.65
N PHE B 221 12.66 4.60 28.38
CA PHE B 221 13.68 4.71 29.47
C PHE B 221 13.92 6.18 29.87
N GLU B 222 13.84 7.09 28.92
CA GLU B 222 14.13 8.53 29.14
C GLU B 222 13.29 9.07 30.31
N THR B 223 13.97 9.63 31.32
CA THR B 223 13.44 10.58 32.33
C THR B 223 14.19 11.91 32.19
N SER B 224 13.90 12.85 33.08
CA SER B 224 14.53 14.20 33.13
C SER B 224 15.98 14.08 33.62
N CYS B 225 16.32 13.06 34.44
CA CYS B 225 17.68 12.82 34.99
CA CYS B 225 17.68 12.81 34.99
C CYS B 225 18.42 11.75 34.15
N LEU B 226 19.47 12.14 33.45
CA LEU B 226 20.22 11.22 32.55
C LEU B 226 20.80 10.06 33.39
N LYS B 227 21.16 10.30 34.65
CA LYS B 227 21.68 9.23 35.56
C LYS B 227 20.57 8.20 35.86
N GLU B 228 19.33 8.63 36.13
CA GLU B 228 18.19 7.72 36.38
C GLU B 228 17.99 6.84 35.13
N THR B 229 17.92 7.46 33.95
CA THR B 229 17.81 6.79 32.63
C THR B 229 18.87 5.70 32.52
N TYR B 230 20.16 6.02 32.72
CA TYR B 230 21.31 5.08 32.55
C TYR B 230 21.05 3.83 33.43
N LEU B 231 20.74 4.06 34.71
CA LEU B 231 20.37 3.01 35.71
C LEU B 231 19.14 2.21 35.26
N ARG B 232 18.11 2.84 34.69
CA ARG B 232 16.89 2.14 34.21
C ARG B 232 17.23 1.20 33.05
N ILE B 233 18.06 1.64 32.11
CA ILE B 233 18.59 0.75 31.02
C ILE B 233 19.45 -0.36 31.65
N LYS B 234 20.32 -0.06 32.62
CA LYS B 234 21.23 -1.07 33.19
C LYS B 234 20.38 -2.21 33.77
N LYS B 235 19.22 -1.89 34.36
CA LYS B 235 18.40 -2.84 35.17
C LYS B 235 17.17 -3.33 34.38
N ASN B 236 17.04 -2.91 33.12
CA ASN B 236 15.93 -3.26 32.20
C ASN B 236 14.58 -2.89 32.85
N GLU B 237 14.49 -1.73 33.50
CA GLU B 237 13.24 -1.25 34.15
C GLU B 237 12.43 -0.38 33.17
N TYR B 238 11.23 -0.83 32.82
CA TYR B 238 10.26 -0.04 32.01
C TYR B 238 8.85 -0.64 32.23
N SER B 239 7.77 0.12 31.98
CA SER B 239 6.37 -0.35 32.12
C SER B 239 5.65 -0.16 30.80
N ILE B 240 5.08 -1.22 30.24
CA ILE B 240 4.17 -1.17 29.07
C ILE B 240 2.77 -1.00 29.62
N PRO B 241 2.03 0.09 29.35
CA PRO B 241 0.70 0.26 29.93
C PRO B 241 -0.19 -0.88 29.43
N LYS B 242 -1.28 -1.17 30.16
CA LYS B 242 -2.07 -2.43 30.08
C LYS B 242 -2.86 -2.48 28.75
N HIS B 243 -3.09 -1.31 28.13
CA HIS B 243 -3.88 -1.12 26.89
C HIS B 243 -3.14 -1.54 25.62
N ILE B 244 -1.81 -1.66 25.63
CA ILE B 244 -1.01 -2.24 24.51
C ILE B 244 -1.46 -3.71 24.22
N ASN B 245 -1.67 -4.09 22.96
CA ASN B 245 -2.10 -5.48 22.64
C ASN B 245 -0.99 -6.43 23.03
N PRO B 246 -1.35 -7.60 23.60
CA PRO B 246 -0.36 -8.53 24.15
C PRO B 246 0.75 -8.94 23.16
N VAL B 247 0.47 -9.16 21.89
CA VAL B 247 1.52 -9.61 20.91
C VAL B 247 2.56 -8.48 20.76
N ALA B 248 2.09 -7.23 20.74
CA ALA B 248 2.93 -6.02 20.64
C ALA B 248 3.80 -5.95 21.91
N ALA B 249 3.16 -5.93 23.09
CA ALA B 249 3.82 -5.93 24.40
C ALA B 249 4.94 -6.99 24.38
N SER B 250 4.61 -8.24 24.07
CA SER B 250 5.57 -9.38 24.02
C SER B 250 6.73 -9.09 23.05
N LEU B 251 6.50 -8.50 21.87
CA LEU B 251 7.64 -8.23 20.93
C LEU B 251 8.56 -7.13 21.50
N ILE B 252 7.98 -6.11 22.16
CA ILE B 252 8.77 -5.08 22.89
C ILE B 252 9.67 -5.81 23.92
N GLN B 253 9.13 -6.82 24.61
CA GLN B 253 9.85 -7.60 25.66
C GLN B 253 10.94 -8.49 25.05
N LYS B 254 10.79 -9.00 23.84
CA LYS B 254 11.88 -9.79 23.20
C LYS B 254 13.08 -8.88 22.91
N MET B 255 12.80 -7.65 22.43
CA MET B 255 13.83 -6.69 21.95
C MET B 255 14.45 -6.00 23.15
N LEU B 256 13.66 -5.70 24.19
CA LEU B 256 14.11 -4.92 25.37
C LEU B 256 14.52 -5.89 26.47
N GLN B 257 15.68 -6.53 26.27
CA GLN B 257 16.36 -7.46 27.23
C GLN B 257 17.85 -7.10 27.27
N THR B 258 18.47 -7.22 28.47
CA THR B 258 19.89 -6.85 28.70
C THR B 258 20.80 -7.75 27.88
N ASP B 259 20.62 -9.06 27.93
CA ASP B 259 21.46 -10.02 27.18
C ASP B 259 21.20 -9.86 25.67
N PRO B 260 22.18 -9.34 24.89
CA PRO B 260 21.91 -9.04 23.48
C PRO B 260 21.71 -10.30 22.61
N THR B 261 22.30 -11.44 23.02
CA THR B 261 22.21 -12.71 22.29
C THR B 261 20.78 -13.25 22.45
N ALA B 262 19.98 -12.74 23.41
CA ALA B 262 18.55 -13.17 23.62
C ALA B 262 17.58 -12.35 22.76
N ARG B 263 17.97 -11.20 22.19
CA ARG B 263 17.06 -10.38 21.33
C ARG B 263 16.95 -11.11 19.99
N PRO B 264 15.83 -11.02 19.24
CA PRO B 264 15.76 -11.70 17.95
C PRO B 264 16.72 -11.03 16.96
N THR B 265 17.29 -11.78 16.00
CA THR B 265 18.04 -11.17 14.87
C THR B 265 17.05 -10.35 14.06
N ILE B 266 17.58 -9.48 13.19
CA ILE B 266 16.73 -8.56 12.38
CA ILE B 266 16.74 -8.56 12.37
C ILE B 266 15.73 -9.41 11.60
N ASN B 267 16.16 -10.57 11.11
CA ASN B 267 15.28 -11.49 10.31
C ASN B 267 14.22 -12.17 11.19
N GLU B 268 14.59 -12.62 12.40
CA GLU B 268 13.63 -13.22 13.36
C GLU B 268 12.59 -12.18 13.76
N LEU B 269 13.01 -10.92 13.84
CA LEU B 269 12.13 -9.79 14.23
C LEU B 269 11.13 -9.59 13.10
N LEU B 270 11.61 -9.54 11.86
CA LEU B 270 10.78 -9.31 10.64
C LEU B 270 9.70 -10.39 10.53
N ASN B 271 10.02 -11.63 10.93
CA ASN B 271 9.06 -12.78 10.93
C ASN B 271 8.23 -12.81 12.25
N ASP B 272 8.30 -11.74 13.07
CA ASP B 272 7.54 -11.74 14.35
C ASP B 272 6.06 -11.85 14.04
N GLU B 273 5.32 -12.55 14.93
CA GLU B 273 3.83 -12.63 14.93
C GLU B 273 3.17 -11.23 14.88
N PHE B 274 3.76 -10.20 15.48
CA PHE B 274 3.24 -8.81 15.51
C PHE B 274 2.81 -8.36 14.12
N PHE B 275 3.63 -8.69 13.13
CA PHE B 275 3.54 -8.14 11.76
C PHE B 275 2.34 -8.79 11.06
N THR B 276 1.72 -9.84 11.63
CA THR B 276 0.62 -10.62 11.00
C THR B 276 -0.61 -10.73 11.93
N SER B 277 -0.50 -10.35 13.20
CA SER B 277 -1.53 -10.52 14.26
C SER B 277 -2.77 -9.64 14.01
N GLY B 278 -2.67 -8.48 13.32
CA GLY B 278 -3.83 -7.60 13.01
C GLY B 278 -3.75 -6.95 11.64
N TYR B 279 -4.59 -5.93 11.40
CA TYR B 279 -4.74 -5.23 10.10
C TYR B 279 -3.41 -4.62 9.63
N ILE B 280 -3.10 -4.86 8.36
CA ILE B 280 -1.85 -4.44 7.66
C ILE B 280 -2.32 -3.44 6.60
N PRO B 281 -2.28 -2.13 6.89
CA PRO B 281 -2.62 -1.17 5.84
C PRO B 281 -1.59 -1.33 4.72
N ALA B 282 -2.05 -1.21 3.49
CA ALA B 282 -1.20 -1.25 2.28
C ALA B 282 -0.43 0.08 2.22
N ARG B 283 -1.15 1.15 2.49
CA ARG B 283 -0.67 2.54 2.50
C ARG B 283 -1.43 3.33 3.56
N LEU B 284 -0.93 4.51 3.91
CA LEU B 284 -1.63 5.41 4.87
C LEU B 284 -2.09 6.69 4.17
N PRO B 285 -3.24 7.27 4.53
CA PRO B 285 -3.63 8.56 3.95
C PRO B 285 -2.71 9.68 4.49
N ILE B 286 -2.58 10.76 3.71
CA ILE B 286 -1.71 11.92 4.05
C ILE B 286 -2.23 12.60 5.31
N THR B 287 -3.50 12.43 5.65
CA THR B 287 -4.07 12.94 6.94
C THR B 287 -3.33 12.30 8.14
N CYS B 288 -2.69 11.13 7.97
CA CYS B 288 -2.04 10.40 9.11
C CYS B 288 -0.89 11.22 9.67
N LEU B 289 -0.37 12.24 8.93
CA LEU B 289 0.72 13.07 9.51
C LEU B 289 0.20 14.00 10.61
N THR B 290 -1.10 14.23 10.72
CA THR B 290 -1.64 15.28 11.63
C THR B 290 -2.79 14.77 12.52
N ILE B 291 -3.62 13.84 12.05
CA ILE B 291 -4.82 13.41 12.83
C ILE B 291 -4.95 11.91 12.66
N PRO B 292 -5.62 11.23 13.62
CA PRO B 292 -5.81 9.79 13.47
C PRO B 292 -6.85 9.46 12.40
N PRO B 293 -6.80 8.24 11.82
CA PRO B 293 -7.90 7.73 10.99
C PRO B 293 -9.31 8.03 11.52
N SER C 12 -15.10 -14.77 -34.24
CA SER C 12 -14.65 -14.05 -35.47
C SER C 12 -13.12 -14.00 -35.49
N ASP C 13 -12.54 -14.33 -36.65
CA ASP C 13 -11.08 -14.30 -36.96
C ASP C 13 -10.65 -12.83 -37.18
N LEU C 14 -11.48 -12.05 -37.90
CA LEU C 14 -11.23 -10.59 -38.14
C LEU C 14 -11.42 -9.81 -36.82
N GLY C 15 -12.39 -10.20 -35.99
CA GLY C 15 -12.58 -9.66 -34.63
C GLY C 15 -11.33 -9.80 -33.79
N LYS C 16 -10.80 -11.01 -33.68
CA LYS C 16 -9.55 -11.27 -32.91
C LYS C 16 -8.43 -10.42 -33.53
N LYS C 17 -8.30 -10.37 -34.84
CA LYS C 17 -7.20 -9.58 -35.50
C LYS C 17 -7.34 -8.08 -35.19
N LEU C 18 -8.59 -7.57 -35.13
CA LEU C 18 -8.86 -6.12 -34.94
C LEU C 18 -8.51 -5.74 -33.50
N LEU C 19 -8.87 -6.60 -32.55
CA LEU C 19 -8.50 -6.42 -31.12
C LEU C 19 -6.97 -6.27 -31.02
N GLU C 20 -6.22 -7.18 -31.65
CA GLU C 20 -4.73 -7.23 -31.65
C GLU C 20 -4.16 -5.95 -32.28
N ALA C 21 -4.68 -5.55 -33.44
CA ALA C 21 -4.21 -4.33 -34.15
C ALA C 21 -4.43 -3.08 -33.29
N ALA C 22 -5.58 -2.96 -32.65
CA ALA C 22 -5.95 -1.77 -31.85
C ALA C 22 -5.06 -1.68 -30.60
N ARG C 23 -4.85 -2.81 -29.90
CA ARG C 23 -3.92 -2.89 -28.73
C ARG C 23 -2.53 -2.42 -29.16
N ALA C 24 -2.03 -2.91 -30.29
CA ALA C 24 -0.63 -2.73 -30.73
C ALA C 24 -0.44 -1.35 -31.39
N GLY C 25 -1.52 -0.59 -31.60
CA GLY C 25 -1.45 0.73 -32.24
C GLY C 25 -1.09 0.67 -33.71
N GLN C 26 -1.45 -0.41 -34.41
CA GLN C 26 -1.20 -0.54 -35.87
C GLN C 26 -2.35 0.12 -36.66
N ASP C 27 -2.32 1.45 -36.79
CA ASP C 27 -3.33 2.29 -37.49
C ASP C 27 -3.78 1.65 -38.81
N ASP C 28 -2.81 1.35 -39.68
CA ASP C 28 -3.10 0.95 -41.08
C ASP C 28 -3.68 -0.47 -41.06
N GLU C 29 -3.21 -1.36 -40.17
CA GLU C 29 -3.81 -2.71 -40.07
C GLU C 29 -5.25 -2.57 -39.58
N VAL C 30 -5.59 -1.55 -38.79
CA VAL C 30 -6.99 -1.33 -38.30
C VAL C 30 -7.91 -0.91 -39.46
N ARG C 31 -7.48 0.05 -40.27
CA ARG C 31 -8.28 0.56 -41.43
C ARG C 31 -8.56 -0.59 -42.42
N ILE C 32 -7.58 -1.45 -42.65
CA ILE C 32 -7.70 -2.60 -43.58
C ILE C 32 -8.77 -3.55 -43.02
N LEU C 33 -8.65 -3.97 -41.76
CA LEU C 33 -9.54 -5.01 -41.16
C LEU C 33 -10.99 -4.51 -41.24
N ILE C 34 -11.21 -3.23 -40.94
CA ILE C 34 -12.57 -2.61 -40.94
C ILE C 34 -13.15 -2.75 -42.35
N ALA C 35 -12.43 -2.22 -43.35
CA ALA C 35 -12.79 -2.30 -44.80
C ALA C 35 -13.10 -3.75 -45.22
N ASN C 36 -12.52 -4.77 -44.59
CA ASN C 36 -12.66 -6.21 -44.97
C ASN C 36 -13.80 -6.95 -44.19
N GLY C 37 -14.53 -6.17 -43.31
CA GLY C 37 -15.78 -6.63 -42.65
C GLY C 37 -15.60 -6.89 -41.16
N ALA C 38 -14.53 -6.37 -40.56
CA ALA C 38 -14.23 -6.64 -39.13
C ALA C 38 -15.33 -5.99 -38.28
N ASP C 39 -15.87 -6.76 -37.30
CA ASP C 39 -16.75 -6.26 -36.21
C ASP C 39 -15.96 -5.28 -35.33
N VAL C 40 -16.30 -3.99 -35.39
CA VAL C 40 -15.61 -2.98 -34.56
C VAL C 40 -16.02 -3.19 -33.10
N ASN C 41 -17.06 -4.00 -32.85
CA ASN C 41 -17.66 -4.26 -31.51
C ASN C 41 -17.34 -5.67 -31.04
N ALA C 42 -16.32 -6.29 -31.66
CA ALA C 42 -15.67 -7.52 -31.21
C ALA C 42 -15.25 -7.30 -29.76
N VAL C 43 -15.39 -8.35 -28.96
CA VAL C 43 -15.16 -8.31 -27.51
C VAL C 43 -14.23 -9.49 -27.16
N ASP C 44 -13.21 -9.26 -26.32
CA ASP C 44 -12.25 -10.33 -25.92
C ASP C 44 -12.83 -11.06 -24.70
N ASN C 45 -12.02 -11.95 -24.14
CA ASN C 45 -12.44 -12.87 -23.03
C ASN C 45 -12.61 -12.12 -21.69
N THR C 46 -12.34 -10.81 -21.59
CA THR C 46 -12.79 -10.00 -20.41
C THR C 46 -13.54 -8.73 -20.82
N GLY C 47 -14.21 -8.73 -21.96
CA GLY C 47 -15.13 -7.66 -22.35
C GLY C 47 -14.39 -6.47 -22.92
N LEU C 48 -13.10 -6.57 -23.22
CA LEU C 48 -12.42 -5.43 -23.89
C LEU C 48 -12.79 -5.46 -25.38
N THR C 49 -13.20 -4.30 -25.90
CA THR C 49 -13.43 -4.04 -27.33
C THR C 49 -12.21 -3.34 -27.92
N PRO C 50 -12.09 -3.26 -29.26
CA PRO C 50 -11.05 -2.46 -29.90
C PRO C 50 -10.97 -1.05 -29.34
N LEU C 51 -12.11 -0.43 -29.05
CA LEU C 51 -12.11 0.96 -28.51
C LEU C 51 -11.49 1.02 -27.11
N HIS C 52 -11.84 0.06 -26.24
CA HIS C 52 -11.21 -0.06 -24.89
C HIS C 52 -9.68 -0.14 -25.04
N LEU C 53 -9.22 -1.00 -25.95
CA LEU C 53 -7.77 -1.33 -26.11
C LEU C 53 -7.03 -0.15 -26.70
N ALA C 54 -7.62 0.56 -27.66
CA ALA C 54 -6.99 1.76 -28.23
C ALA C 54 -6.99 2.83 -27.13
N ALA C 55 -8.09 2.96 -26.38
CA ALA C 55 -8.24 4.05 -25.39
C ALA C 55 -7.19 3.92 -24.28
N VAL C 56 -7.01 2.73 -23.77
CA VAL C 56 -6.14 2.51 -22.58
C VAL C 56 -4.68 2.56 -23.04
N SER C 57 -4.41 2.26 -24.33
CA SER C 57 -3.03 2.23 -24.89
C SER C 57 -2.61 3.62 -25.42
N GLY C 58 -3.51 4.61 -25.48
CA GLY C 58 -3.17 5.98 -25.93
C GLY C 58 -3.13 6.15 -27.44
N HIS C 59 -3.84 5.30 -28.18
CA HIS C 59 -3.84 5.29 -29.67
C HIS C 59 -5.03 6.12 -30.17
N LEU C 60 -4.84 7.43 -30.19
CA LEU C 60 -5.89 8.45 -30.52
C LEU C 60 -6.44 8.21 -31.94
N GLU C 61 -5.60 8.04 -32.93
CA GLU C 61 -6.07 7.89 -34.35
C GLU C 61 -6.98 6.67 -34.43
N ILE C 62 -6.62 5.58 -33.74
CA ILE C 62 -7.43 4.34 -33.85
C ILE C 62 -8.74 4.59 -33.12
N VAL C 63 -8.74 5.32 -32.00
CA VAL C 63 -9.99 5.66 -31.26
C VAL C 63 -10.96 6.34 -32.24
N GLU C 64 -10.50 7.36 -32.95
CA GLU C 64 -11.33 8.15 -33.90
C GLU C 64 -11.84 7.25 -35.02
N VAL C 65 -10.94 6.50 -35.65
CA VAL C 65 -11.32 5.53 -36.72
C VAL C 65 -12.44 4.63 -36.20
N LEU C 66 -12.29 4.06 -35.00
CA LEU C 66 -13.29 3.10 -34.47
C LEU C 66 -14.62 3.79 -34.25
N LEU C 67 -14.60 5.03 -33.74
CA LEU C 67 -15.83 5.74 -33.35
C LEU C 67 -16.63 6.09 -34.60
N LYS C 68 -15.94 6.44 -35.69
CA LYS C 68 -16.55 6.81 -36.99
C LYS C 68 -17.14 5.57 -37.64
N HIS C 69 -16.55 4.40 -37.38
CA HIS C 69 -17.02 3.07 -37.88
C HIS C 69 -17.93 2.37 -36.83
N GLY C 70 -18.60 3.25 -35.97
CA GLY C 70 -19.79 2.86 -35.18
C GLY C 70 -19.45 2.14 -33.88
N ALA C 71 -18.20 2.21 -33.42
CA ALA C 71 -17.77 1.56 -32.15
C ALA C 71 -18.68 2.00 -31.00
N ASP C 72 -19.12 1.06 -30.16
CA ASP C 72 -20.08 1.38 -29.06
C ASP C 72 -19.25 2.12 -28.01
N VAL C 73 -19.57 3.39 -27.82
CA VAL C 73 -18.74 4.31 -27.02
C VAL C 73 -18.86 3.97 -25.54
N ASP C 74 -19.94 3.29 -25.12
CA ASP C 74 -20.21 2.97 -23.68
C ASP C 74 -20.11 1.45 -23.44
N ALA C 75 -19.50 0.68 -24.34
CA ALA C 75 -19.28 -0.76 -24.11
C ALA C 75 -18.60 -0.93 -22.73
N ALA C 76 -19.15 -1.80 -21.90
CA ALA C 76 -18.63 -2.06 -20.54
C ALA C 76 -17.92 -3.41 -20.50
N ASP C 77 -16.68 -3.48 -19.98
CA ASP C 77 -15.88 -4.72 -19.81
C ASP C 77 -16.28 -5.40 -18.48
N VAL C 78 -15.55 -6.43 -18.04
CA VAL C 78 -15.99 -7.34 -16.92
C VAL C 78 -15.76 -6.64 -15.57
N TYR C 79 -15.12 -5.47 -15.57
CA TYR C 79 -14.98 -4.57 -14.41
C TYR C 79 -16.07 -3.50 -14.44
N GLY C 80 -16.76 -3.33 -15.56
CA GLY C 80 -17.70 -2.22 -15.75
C GLY C 80 -17.02 -0.98 -16.29
N PHE C 81 -15.79 -1.08 -16.82
CA PHE C 81 -15.07 0.07 -17.40
C PHE C 81 -15.57 0.32 -18.84
N THR C 82 -15.90 1.57 -19.15
CA THR C 82 -16.09 2.08 -20.54
C THR C 82 -14.73 2.55 -21.01
N PRO C 83 -14.55 2.73 -22.33
CA PRO C 83 -13.31 3.27 -22.84
C PRO C 83 -12.95 4.60 -22.15
N LEU C 84 -13.94 5.39 -21.74
CA LEU C 84 -13.71 6.68 -21.04
C LEU C 84 -13.07 6.43 -19.67
N HIS C 85 -13.54 5.44 -18.91
CA HIS C 85 -12.92 5.04 -17.64
C HIS C 85 -11.45 4.77 -17.91
N LEU C 86 -11.13 3.97 -18.94
CA LEU C 86 -9.73 3.53 -19.20
C LEU C 86 -8.90 4.74 -19.63
N ALA C 87 -9.45 5.61 -20.49
CA ALA C 87 -8.72 6.84 -20.94
C ALA C 87 -8.48 7.78 -19.76
N ALA C 88 -9.45 7.93 -18.88
CA ALA C 88 -9.36 8.82 -17.70
C ALA C 88 -8.28 8.31 -16.75
N MET C 89 -8.22 7.00 -16.47
CA MET C 89 -7.24 6.49 -15.48
C MET C 89 -5.83 6.50 -16.06
N THR C 90 -5.67 6.50 -17.37
CA THR C 90 -4.33 6.46 -18.00
C THR C 90 -3.90 7.87 -18.39
N GLY C 91 -4.77 8.87 -18.28
CA GLY C 91 -4.37 10.29 -18.46
C GLY C 91 -4.37 10.74 -19.93
N HIS C 92 -5.16 10.13 -20.83
CA HIS C 92 -5.14 10.46 -22.28
C HIS C 92 -6.24 11.48 -22.56
N LEU C 93 -5.91 12.75 -22.41
CA LEU C 93 -6.85 13.90 -22.48
C LEU C 93 -7.54 13.95 -23.85
N GLU C 94 -6.82 13.79 -24.97
CA GLU C 94 -7.43 13.93 -26.31
C GLU C 94 -8.43 12.80 -26.53
N ILE C 95 -8.12 11.61 -26.01
CA ILE C 95 -9.04 10.45 -26.15
C ILE C 95 -10.27 10.69 -25.29
N VAL C 96 -10.08 11.19 -24.08
CA VAL C 96 -11.22 11.59 -23.17
C VAL C 96 -12.15 12.53 -23.94
N GLU C 97 -11.61 13.53 -24.60
CA GLU C 97 -12.42 14.53 -25.35
C GLU C 97 -13.12 13.91 -26.55
N VAL C 98 -12.40 13.11 -27.33
CA VAL C 98 -12.99 12.49 -28.56
C VAL C 98 -14.14 11.61 -28.09
N LEU C 99 -13.94 10.87 -27.00
CA LEU C 99 -14.97 9.90 -26.52
C LEU C 99 -16.19 10.70 -26.08
N LEU C 100 -16.01 11.81 -25.40
CA LEU C 100 -17.15 12.61 -24.89
C LEU C 100 -17.91 13.20 -26.08
N LYS C 101 -17.18 13.64 -27.10
CA LYS C 101 -17.78 14.24 -28.32
C LYS C 101 -18.63 13.18 -29.04
N TYR C 102 -18.24 11.89 -28.99
CA TYR C 102 -19.02 10.79 -29.60
C TYR C 102 -20.11 10.31 -28.63
N GLY C 103 -20.42 11.10 -27.59
CA GLY C 103 -21.57 10.88 -26.67
C GLY C 103 -21.25 9.93 -25.52
N ALA C 104 -19.98 9.74 -25.14
CA ALA C 104 -19.64 8.89 -23.97
C ALA C 104 -20.37 9.42 -22.73
N ASP C 105 -20.98 8.55 -21.92
CA ASP C 105 -21.61 8.94 -20.63
C ASP C 105 -20.49 9.35 -19.65
N VAL C 106 -20.40 10.65 -19.38
CA VAL C 106 -19.34 11.25 -18.53
C VAL C 106 -19.50 10.72 -17.11
N ASN C 107 -20.70 10.29 -16.71
CA ASN C 107 -20.96 9.76 -15.36
C ASN C 107 -21.16 8.23 -15.38
N ALA C 108 -20.57 7.53 -16.34
CA ALA C 108 -20.71 6.05 -16.39
C ALA C 108 -20.09 5.49 -15.11
N PHE C 109 -20.71 4.48 -14.54
CA PHE C 109 -20.25 3.81 -13.29
C PHE C 109 -19.63 2.46 -13.62
N ASP C 110 -18.45 2.18 -13.05
CA ASP C 110 -17.89 0.80 -12.99
C ASP C 110 -18.52 0.07 -11.82
N MET C 111 -18.09 -1.14 -11.55
CA MET C 111 -18.78 -2.01 -10.59
C MET C 111 -18.33 -1.61 -9.19
N THR C 112 -17.47 -0.60 -9.03
CA THR C 112 -17.24 0.02 -7.69
C THR C 112 -18.05 1.31 -7.53
N GLY C 113 -18.85 1.71 -8.51
CA GLY C 113 -19.63 2.96 -8.41
C GLY C 113 -18.78 4.16 -8.74
N SER C 114 -17.65 3.94 -9.43
CA SER C 114 -16.69 5.00 -9.78
C SER C 114 -16.93 5.49 -11.22
N THR C 115 -16.84 6.82 -11.36
CA THR C 115 -16.97 7.52 -12.63
C THR C 115 -15.57 7.70 -13.18
N PRO C 116 -15.42 8.02 -14.47
CA PRO C 116 -14.12 8.39 -15.00
C PRO C 116 -13.45 9.45 -14.10
N LEU C 117 -14.25 10.32 -13.50
CA LEU C 117 -13.71 11.42 -12.67
C LEU C 117 -13.06 10.85 -11.41
N HIS C 118 -13.71 9.92 -10.73
CA HIS C 118 -13.13 9.30 -9.51
C HIS C 118 -11.79 8.67 -9.87
N LEU C 119 -11.74 7.96 -10.99
CA LEU C 119 -10.54 7.19 -11.38
C LEU C 119 -9.44 8.16 -11.76
N ALA C 120 -9.73 9.22 -12.49
CA ALA C 120 -8.73 10.22 -12.87
C ALA C 120 -8.19 10.89 -11.61
N ALA C 121 -9.06 11.27 -10.69
CA ALA C 121 -8.62 11.94 -9.43
C ALA C 121 -7.68 10.99 -8.66
N ASP C 122 -8.08 9.73 -8.49
CA ASP C 122 -7.26 8.73 -7.75
C ASP C 122 -5.88 8.61 -8.40
N GLU C 123 -5.77 8.71 -9.72
CA GLU C 123 -4.46 8.52 -10.40
C GLU C 123 -3.70 9.85 -10.52
N GLY C 124 -4.26 10.95 -10.00
CA GLY C 124 -3.66 12.30 -10.03
C GLY C 124 -3.70 12.92 -11.43
N HIS C 125 -4.62 12.54 -12.31
CA HIS C 125 -4.75 13.15 -13.68
C HIS C 125 -5.67 14.36 -13.59
N LEU C 126 -5.19 15.44 -13.01
CA LEU C 126 -6.05 16.59 -12.62
C LEU C 126 -6.49 17.38 -13.87
N GLU C 127 -5.70 17.38 -14.95
CA GLU C 127 -6.15 17.96 -16.26
C GLU C 127 -7.41 17.20 -16.73
N ILE C 128 -7.42 15.89 -16.60
CA ILE C 128 -8.62 15.09 -16.97
C ILE C 128 -9.78 15.43 -16.02
N VAL C 129 -9.54 15.54 -14.72
CA VAL C 129 -10.60 15.92 -13.74
C VAL C 129 -11.25 17.23 -14.19
N GLU C 130 -10.45 18.21 -14.55
CA GLU C 130 -10.93 19.54 -15.01
C GLU C 130 -11.77 19.36 -16.29
N VAL C 131 -11.26 18.63 -17.28
CA VAL C 131 -12.01 18.42 -18.56
C VAL C 131 -13.36 17.74 -18.27
N LEU C 132 -13.37 16.68 -17.47
CA LEU C 132 -14.63 15.95 -17.17
C LEU C 132 -15.62 16.89 -16.48
N LEU C 133 -15.16 17.72 -15.52
CA LEU C 133 -16.07 18.72 -14.88
C LEU C 133 -16.65 19.67 -15.93
N LYS C 134 -15.85 20.03 -16.94
CA LYS C 134 -16.31 20.93 -18.03
C LYS C 134 -17.45 20.27 -18.82
N TYR C 135 -17.44 18.96 -19.04
CA TYR C 135 -18.47 18.23 -19.85
C TYR C 135 -19.56 17.67 -18.93
N GLY C 136 -19.69 18.20 -17.72
CA GLY C 136 -20.87 17.97 -16.86
C GLY C 136 -20.71 16.81 -15.90
N ALA C 137 -19.48 16.40 -15.60
CA ALA C 137 -19.24 15.29 -14.65
C ALA C 137 -19.78 15.77 -13.29
N ASP C 138 -20.51 14.91 -12.62
CA ASP C 138 -21.17 15.26 -11.33
C ASP C 138 -20.33 14.65 -10.20
N VAL C 139 -19.75 15.44 -9.30
CA VAL C 139 -18.87 14.93 -8.21
C VAL C 139 -19.68 14.01 -7.29
N ASN C 140 -20.96 14.30 -7.08
CA ASN C 140 -21.87 13.46 -6.24
C ASN C 140 -22.63 12.42 -7.08
N ALA C 141 -22.11 11.99 -8.22
CA ALA C 141 -22.66 10.84 -8.99
C ALA C 141 -22.68 9.61 -8.09
N GLN C 142 -23.85 8.99 -7.96
CA GLN C 142 -24.12 7.83 -7.06
C GLN C 142 -24.91 6.79 -7.86
N ASP C 143 -24.44 5.54 -7.89
CA ASP C 143 -25.17 4.40 -8.52
C ASP C 143 -26.19 3.90 -7.50
N LYS C 144 -27.45 3.67 -7.91
CA LYS C 144 -28.48 3.06 -7.02
C LYS C 144 -28.95 1.74 -7.64
N PHE C 145 -29.68 0.95 -6.86
CA PHE C 145 -30.19 -0.41 -7.20
C PHE C 145 -31.43 -0.27 -8.09
N SER D 12 3.55 33.34 26.39
CA SER D 12 3.98 32.04 25.76
C SER D 12 3.20 30.86 26.37
N ASP D 13 2.70 31.03 27.60
CA ASP D 13 1.72 30.12 28.27
C ASP D 13 0.33 30.36 27.64
N LEU D 14 -0.01 31.58 27.24
CA LEU D 14 -1.28 31.91 26.53
C LEU D 14 -1.23 31.36 25.09
N GLY D 15 -0.08 31.44 24.42
CA GLY D 15 0.18 30.78 23.12
C GLY D 15 -0.11 29.29 23.18
N LYS D 16 0.49 28.57 24.12
CA LYS D 16 0.27 27.12 24.28
C LYS D 16 -1.21 26.89 24.56
N LYS D 17 -1.86 27.70 25.40
CA LYS D 17 -3.28 27.49 25.78
C LYS D 17 -4.18 27.72 24.56
N LEU D 18 -3.85 28.69 23.70
CA LEU D 18 -4.65 29.04 22.49
C LEU D 18 -4.58 27.88 21.49
N LEU D 19 -3.38 27.33 21.29
CA LEU D 19 -3.20 26.15 20.40
C LEU D 19 -4.10 24.99 20.88
N GLU D 20 -4.08 24.69 22.18
CA GLU D 20 -4.88 23.62 22.86
C GLU D 20 -6.37 23.88 22.67
N ALA D 21 -6.82 25.10 22.91
CA ALA D 21 -8.24 25.51 22.81
C ALA D 21 -8.72 25.34 21.35
N ALA D 22 -7.91 25.72 20.37
CA ALA D 22 -8.27 25.70 18.94
C ALA D 22 -8.43 24.25 18.47
N ARG D 23 -7.47 23.39 18.83
CA ARG D 23 -7.52 21.93 18.58
C ARG D 23 -8.81 21.34 19.15
N ALA D 24 -9.16 21.69 20.40
CA ALA D 24 -10.26 21.07 21.18
C ALA D 24 -11.62 21.66 20.79
N GLY D 25 -11.63 22.68 19.93
CA GLY D 25 -12.87 23.36 19.47
C GLY D 25 -13.56 24.15 20.59
N GLN D 26 -12.80 24.71 21.52
CA GLN D 26 -13.33 25.47 22.67
C GLN D 26 -13.55 26.93 22.26
N ASP D 27 -14.66 27.24 21.57
CA ASP D 27 -14.94 28.60 21.00
C ASP D 27 -14.74 29.68 22.08
N ASP D 28 -15.41 29.54 23.21
CA ASP D 28 -15.47 30.59 24.27
C ASP D 28 -14.08 30.70 24.93
N GLU D 29 -13.38 29.59 25.14
CA GLU D 29 -12.02 29.67 25.75
C GLU D 29 -11.08 30.37 24.74
N VAL D 30 -11.34 30.26 23.44
CA VAL D 30 -10.49 30.90 22.39
C VAL D 30 -10.70 32.43 22.44
N ARG D 31 -11.96 32.89 22.50
CA ARG D 31 -12.30 34.34 22.50
C ARG D 31 -11.64 34.99 23.72
N ILE D 32 -11.65 34.31 24.86
CA ILE D 32 -11.09 34.84 26.13
C ILE D 32 -9.58 35.01 25.95
N LEU D 33 -8.87 33.96 25.52
CA LEU D 33 -7.38 33.96 25.45
C LEU D 33 -6.93 35.10 24.52
N ILE D 34 -7.64 35.28 23.39
CA ILE D 34 -7.35 36.33 22.37
C ILE D 34 -7.43 37.69 23.05
N ALA D 35 -8.58 38.00 23.66
CA ALA D 35 -8.87 39.28 24.35
C ALA D 35 -7.79 39.59 25.40
N ASN D 36 -7.14 38.55 25.96
CA ASN D 36 -6.15 38.68 27.08
C ASN D 36 -4.69 38.77 26.57
N GLY D 37 -4.50 38.68 25.23
CA GLY D 37 -3.24 39.09 24.57
C GLY D 37 -2.51 37.94 23.92
N ALA D 38 -3.05 36.72 23.99
CA ALA D 38 -2.50 35.50 23.33
C ALA D 38 -2.20 35.80 21.85
N ASP D 39 -0.99 35.43 21.41
CA ASP D 39 -0.51 35.51 20.01
C ASP D 39 -1.33 34.54 19.16
N VAL D 40 -2.12 35.10 18.24
CA VAL D 40 -2.94 34.27 17.31
C VAL D 40 -2.01 33.51 16.36
N ASN D 41 -0.72 33.87 16.27
CA ASN D 41 0.31 33.32 15.35
C ASN D 41 1.34 32.50 16.13
N ALA D 42 0.99 32.10 17.35
CA ALA D 42 1.69 31.09 18.15
C ALA D 42 1.85 29.83 17.28
N VAL D 43 3.00 29.18 17.42
CA VAL D 43 3.37 27.98 16.65
C VAL D 43 3.80 26.89 17.63
N ASP D 44 3.42 25.63 17.34
CA ASP D 44 3.81 24.47 18.17
C ASP D 44 5.15 23.93 17.64
N ASN D 45 5.56 22.79 18.18
CA ASN D 45 6.86 22.13 17.91
C ASN D 45 6.92 21.55 16.48
N THR D 46 5.85 21.59 15.67
CA THR D 46 5.95 21.24 14.22
C THR D 46 5.33 22.34 13.35
N GLY D 47 5.27 23.58 13.81
CA GLY D 47 4.89 24.71 12.95
C GLY D 47 3.38 24.85 12.85
N LEU D 48 2.60 24.10 13.62
CA LEU D 48 1.12 24.28 13.56
C LEU D 48 0.76 25.51 14.37
N THR D 49 -0.04 26.37 13.77
CA THR D 49 -0.64 27.58 14.38
C THR D 49 -2.07 27.27 14.79
N PRO D 50 -2.69 28.11 15.65
CA PRO D 50 -4.08 27.91 16.04
C PRO D 50 -4.97 27.70 14.82
N LEU D 51 -4.69 28.41 13.72
CA LEU D 51 -5.52 28.39 12.48
C LEU D 51 -5.39 26.99 11.83
N HIS D 52 -4.16 26.45 11.75
CA HIS D 52 -3.90 25.09 11.26
C HIS D 52 -4.73 24.10 12.08
N LEU D 53 -4.71 24.21 13.41
CA LEU D 53 -5.34 23.23 14.35
C LEU D 53 -6.87 23.32 14.28
N ALA D 54 -7.43 24.52 14.17
CA ALA D 54 -8.89 24.68 13.98
C ALA D 54 -9.25 24.13 12.58
N ALA D 55 -8.42 24.43 11.57
CA ALA D 55 -8.72 24.04 10.18
C ALA D 55 -8.77 22.51 10.07
N VAL D 56 -7.75 21.84 10.61
CA VAL D 56 -7.61 20.38 10.39
C VAL D 56 -8.68 19.67 11.23
N SER D 57 -9.16 20.29 12.31
CA SER D 57 -10.10 19.69 13.31
C SER D 57 -11.56 20.01 12.94
N GLY D 58 -11.84 20.83 11.94
CA GLY D 58 -13.23 21.12 11.52
C GLY D 58 -13.92 22.22 12.37
N HIS D 59 -13.18 23.06 13.07
CA HIS D 59 -13.73 24.08 14.00
C HIS D 59 -13.87 25.44 13.28
N LEU D 60 -14.94 25.58 12.51
CA LEU D 60 -15.16 26.65 11.51
C LEU D 60 -15.19 28.01 12.23
N GLU D 61 -15.97 28.12 13.31
CA GLU D 61 -16.17 29.44 13.96
C GLU D 61 -14.80 29.89 14.48
N ILE D 62 -13.98 28.98 15.01
CA ILE D 62 -12.65 29.36 15.58
C ILE D 62 -11.76 29.80 14.43
N VAL D 63 -11.84 29.15 13.26
CA VAL D 63 -11.04 29.56 12.07
C VAL D 63 -11.34 31.04 11.78
N GLU D 64 -12.62 31.40 11.70
CA GLU D 64 -13.03 32.76 11.26
C GLU D 64 -12.63 33.75 12.38
N VAL D 65 -12.84 33.41 13.64
CA VAL D 65 -12.39 34.25 14.77
C VAL D 65 -10.89 34.52 14.64
N LEU D 66 -10.09 33.50 14.35
CA LEU D 66 -8.60 33.68 14.27
C LEU D 66 -8.27 34.61 13.09
N LEU D 67 -8.97 34.43 11.97
CA LEU D 67 -8.70 35.19 10.73
C LEU D 67 -9.01 36.68 10.94
N LYS D 68 -10.07 36.98 11.70
CA LYS D 68 -10.52 38.37 11.98
C LYS D 68 -9.55 39.03 12.94
N HIS D 69 -8.91 38.24 13.81
CA HIS D 69 -7.87 38.72 14.75
C HIS D 69 -6.44 38.52 14.12
N GLY D 70 -6.38 38.55 12.75
CA GLY D 70 -5.13 38.82 12.00
C GLY D 70 -4.26 37.56 11.82
N ALA D 71 -4.79 36.36 12.12
CA ALA D 71 -4.01 35.10 11.96
C ALA D 71 -3.45 35.00 10.53
N ASP D 72 -2.17 34.62 10.38
CA ASP D 72 -1.48 34.59 9.05
CA ASP D 72 -1.47 34.57 9.07
C ASP D 72 -2.11 33.42 8.27
N VAL D 73 -2.80 33.75 7.21
CA VAL D 73 -3.65 32.75 6.51
C VAL D 73 -2.78 31.71 5.78
N ASP D 74 -1.52 32.02 5.46
CA ASP D 74 -0.64 31.13 4.66
C ASP D 74 0.54 30.66 5.53
N ALA D 75 0.44 30.74 6.85
CA ALA D 75 1.46 30.15 7.76
C ALA D 75 1.68 28.70 7.31
N ALA D 76 2.94 28.32 7.10
CA ALA D 76 3.39 27.01 6.63
C ALA D 76 4.01 26.24 7.79
N ASP D 77 3.60 24.99 8.03
CA ASP D 77 4.13 24.09 9.10
C ASP D 77 5.41 23.39 8.58
N VAL D 78 5.94 22.41 9.30
CA VAL D 78 7.28 21.81 8.99
C VAL D 78 7.16 20.86 7.77
N TYR D 79 5.95 20.62 7.27
CA TYR D 79 5.71 19.89 5.99
C TYR D 79 5.50 20.88 4.84
N GLY D 80 5.32 22.17 5.15
CA GLY D 80 4.93 23.17 4.16
C GLY D 80 3.43 23.25 3.99
N PHE D 81 2.62 22.67 4.87
CA PHE D 81 1.14 22.78 4.77
C PHE D 81 0.65 24.15 5.30
N THR D 82 -0.22 24.81 4.56
CA THR D 82 -1.01 25.97 5.02
C THR D 82 -2.30 25.42 5.60
N PRO D 83 -3.03 26.23 6.40
CA PRO D 83 -4.31 25.79 6.91
C PRO D 83 -5.22 25.32 5.77
N LEU D 84 -5.09 25.91 4.58
CA LEU D 84 -5.92 25.55 3.41
C LEU D 84 -5.60 24.09 2.96
N HIS D 85 -4.31 23.73 2.87
CA HIS D 85 -3.87 22.33 2.65
C HIS D 85 -4.62 21.43 3.63
N LEU D 86 -4.58 21.74 4.94
CA LEU D 86 -5.18 20.88 5.99
C LEU D 86 -6.71 20.82 5.83
N ALA D 87 -7.35 21.91 5.46
CA ALA D 87 -8.84 21.93 5.35
C ALA D 87 -9.24 21.15 4.10
N ALA D 88 -8.45 21.30 3.03
CA ALA D 88 -8.74 20.60 1.75
C ALA D 88 -8.58 19.09 1.93
N MET D 89 -7.52 18.63 2.60
CA MET D 89 -7.21 17.20 2.84
CA MET D 89 -7.23 17.17 2.77
C MET D 89 -8.28 16.52 3.69
N THR D 90 -8.91 17.28 4.59
CA THR D 90 -9.88 16.71 5.57
C THR D 90 -11.31 16.92 5.09
N GLY D 91 -11.54 17.65 4.00
CA GLY D 91 -12.88 17.74 3.38
C GLY D 91 -13.78 18.81 3.99
N HIS D 92 -13.23 19.87 4.61
CA HIS D 92 -14.01 20.92 5.32
C HIS D 92 -14.24 22.08 4.35
N LEU D 93 -15.31 21.99 3.58
CA LEU D 93 -15.64 22.91 2.47
C LEU D 93 -15.81 24.34 2.99
N GLU D 94 -16.54 24.56 4.10
CA GLU D 94 -16.80 25.95 4.61
C GLU D 94 -15.50 26.57 5.13
N ILE D 95 -14.59 25.76 5.68
CA ILE D 95 -13.29 26.29 6.16
C ILE D 95 -12.45 26.66 4.94
N VAL D 96 -12.49 25.85 3.88
CA VAL D 96 -11.80 26.17 2.60
C VAL D 96 -12.31 27.56 2.11
N GLU D 97 -13.63 27.77 2.13
CA GLU D 97 -14.26 29.03 1.65
C GLU D 97 -13.85 30.22 2.52
N VAL D 98 -13.86 30.07 3.83
CA VAL D 98 -13.55 31.23 4.70
C VAL D 98 -12.06 31.51 4.59
N LEU D 99 -11.22 30.50 4.40
CA LEU D 99 -9.76 30.74 4.23
C LEU D 99 -9.57 31.52 2.94
N LEU D 100 -10.27 31.13 1.87
CA LEU D 100 -10.08 31.80 0.56
C LEU D 100 -10.56 33.25 0.64
N LYS D 101 -11.67 33.48 1.33
CA LYS D 101 -12.28 34.83 1.50
C LYS D 101 -11.27 35.74 2.23
N TYR D 102 -10.50 35.22 3.17
CA TYR D 102 -9.48 35.97 3.93
C TYR D 102 -8.13 35.93 3.21
N GLY D 103 -8.08 35.64 1.90
CA GLY D 103 -6.86 35.81 1.07
C GLY D 103 -5.93 34.59 1.03
N ALA D 104 -6.39 33.39 1.36
CA ALA D 104 -5.53 32.18 1.29
C ALA D 104 -5.00 32.03 -0.15
N ASP D 105 -3.71 31.70 -0.33
CA ASP D 105 -3.17 31.32 -1.66
C ASP D 105 -3.71 29.91 -2.05
N VAL D 106 -4.67 29.88 -2.95
CA VAL D 106 -5.29 28.65 -3.50
C VAL D 106 -4.24 27.79 -4.21
N ASN D 107 -3.09 28.35 -4.63
CA ASN D 107 -2.02 27.55 -5.28
C ASN D 107 -0.80 27.38 -4.36
N ALA D 108 -1.00 27.39 -3.04
CA ALA D 108 0.16 27.25 -2.12
C ALA D 108 0.76 25.86 -2.29
N PHE D 109 2.06 25.75 -2.21
CA PHE D 109 2.83 24.49 -2.41
C PHE D 109 3.35 24.00 -1.06
N ASP D 110 3.19 22.71 -0.77
CA ASP D 110 3.90 22.07 0.35
C ASP D 110 5.27 21.60 -0.15
N MET D 111 6.04 20.88 0.68
CA MET D 111 7.45 20.56 0.33
C MET D 111 7.45 19.44 -0.71
N THR D 112 6.29 18.89 -1.08
CA THR D 112 6.22 17.95 -2.24
C THR D 112 5.73 18.67 -3.49
N GLY D 113 5.48 19.99 -3.43
CA GLY D 113 5.00 20.72 -4.62
C GLY D 113 3.51 20.49 -4.83
N SER D 114 2.81 20.04 -3.80
CA SER D 114 1.37 19.74 -3.82
C SER D 114 0.55 20.94 -3.31
N THR D 115 -0.54 21.19 -3.99
CA THR D 115 -1.50 22.27 -3.72
C THR D 115 -2.63 21.66 -2.91
N PRO D 116 -3.46 22.50 -2.28
CA PRO D 116 -4.65 21.99 -1.59
C PRO D 116 -5.44 21.09 -2.54
N LEU D 117 -5.41 21.39 -3.84
CA LEU D 117 -6.19 20.68 -4.88
C LEU D 117 -5.66 19.24 -4.96
N HIS D 118 -4.36 19.03 -5.02
CA HIS D 118 -3.73 17.69 -5.08
C HIS D 118 -4.17 16.87 -3.87
N LEU D 119 -4.17 17.49 -2.71
CA LEU D 119 -4.47 16.77 -1.45
C LEU D 119 -5.96 16.46 -1.39
N ALA D 120 -6.83 17.38 -1.83
CA ALA D 120 -8.27 17.10 -1.85
C ALA D 120 -8.54 15.95 -2.83
N ALA D 121 -7.90 15.98 -4.00
CA ALA D 121 -8.11 14.95 -5.03
C ALA D 121 -7.67 13.60 -4.47
N ASP D 122 -6.50 13.53 -3.85
CA ASP D 122 -5.96 12.28 -3.29
C ASP D 122 -6.95 11.72 -2.27
N GLU D 123 -7.61 12.55 -1.48
CA GLU D 123 -8.50 12.10 -0.40
C GLU D 123 -9.91 11.95 -0.92
N GLY D 124 -10.18 12.21 -2.20
CA GLY D 124 -11.52 11.98 -2.80
C GLY D 124 -12.52 13.06 -2.40
N HIS D 125 -12.06 14.26 -2.03
CA HIS D 125 -12.94 15.41 -1.67
C HIS D 125 -13.20 16.21 -2.95
N LEU D 126 -14.05 15.68 -3.82
CA LEU D 126 -14.18 16.20 -5.18
C LEU D 126 -15.00 17.49 -5.16
N GLU D 127 -15.86 17.70 -4.16
CA GLU D 127 -16.59 19.00 -4.03
C GLU D 127 -15.56 20.10 -3.73
N ILE D 128 -14.55 19.81 -2.92
CA ILE D 128 -13.46 20.78 -2.67
C ILE D 128 -12.65 20.98 -3.94
N VAL D 129 -12.30 19.92 -4.67
CA VAL D 129 -11.55 20.08 -5.97
C VAL D 129 -12.31 21.10 -6.84
N GLU D 130 -13.61 20.98 -6.92
CA GLU D 130 -14.46 21.85 -7.77
C GLU D 130 -14.38 23.31 -7.27
N VAL D 131 -14.54 23.53 -5.97
CA VAL D 131 -14.46 24.88 -5.37
C VAL D 131 -13.08 25.48 -5.63
N LEU D 132 -12.01 24.71 -5.39
CA LEU D 132 -10.64 25.23 -5.60
C LEU D 132 -10.43 25.61 -7.07
N LEU D 133 -10.89 24.79 -8.02
CA LEU D 133 -10.76 25.15 -9.47
C LEU D 133 -11.48 26.47 -9.74
N LYS D 134 -12.64 26.64 -9.10
CA LYS D 134 -13.51 27.80 -9.34
C LYS D 134 -12.77 29.08 -8.87
N TYR D 135 -11.94 29.02 -7.82
CA TYR D 135 -11.25 30.22 -7.28
C TYR D 135 -9.78 30.18 -7.72
N GLY D 136 -9.50 29.53 -8.83
CA GLY D 136 -8.26 29.76 -9.58
C GLY D 136 -7.16 28.76 -9.27
N ALA D 137 -7.47 27.58 -8.74
CA ALA D 137 -6.47 26.51 -8.59
C ALA D 137 -5.99 26.12 -9.99
N ASP D 138 -4.68 26.01 -10.16
CA ASP D 138 -4.06 25.63 -11.43
C ASP D 138 -3.63 24.16 -11.33
N VAL D 139 -4.14 23.26 -12.17
CA VAL D 139 -3.80 21.81 -12.09
C VAL D 139 -2.29 21.62 -12.35
N ASN D 140 -1.68 22.43 -13.23
CA ASN D 140 -0.23 22.31 -13.57
C ASN D 140 0.65 23.26 -12.73
N ALA D 141 0.22 23.72 -11.55
CA ALA D 141 1.07 24.58 -10.70
C ALA D 141 2.30 23.76 -10.27
N GLN D 142 3.51 24.30 -10.51
CA GLN D 142 4.84 23.66 -10.37
C GLN D 142 5.71 24.35 -9.29
N ASP D 143 6.54 23.58 -8.57
CA ASP D 143 7.50 24.02 -7.51
C ASP D 143 6.72 24.30 -6.22
C5 A1JCP E . -18.29 -18.96 -7.20
C7 A1JCP E . -18.44 -16.57 -6.72
C10 A1JCP E . -18.28 -14.16 -5.82
C13 A1JCP E . -18.10 -10.86 -7.66
C15 A1JCP E . -18.47 -9.76 -9.71
C17 A1JCP E . -19.22 -8.66 -11.80
C20 A1JCP E . -18.10 -8.48 -9.24
C22 A1JCP E . -20.27 -7.41 -13.66
C24 A1JCP E . -22.00 -6.19 -15.00
C26 A1JCP E . -19.71 -5.93 -15.37
C28 A1JCP E . -21.03 -4.84 -16.84
F3 A1JCP E . -20.53 -18.67 -7.82
C2 A1JCP E . -19.67 -19.55 -7.35
F4 A1JCP E . -19.35 -20.40 -8.12
F1 A1JCP E . -20.34 -20.10 -6.10
N6 A1JCP E . -18.26 -17.83 -6.32
O8 A1JCP E . -18.53 -16.19 -7.90
C9 A1JCP E . -18.33 -15.51 -5.54
C35 A1JCP E . -18.17 -16.07 -4.11
N36 A1JCP E . -18.11 -16.57 -3.06
S11 A1JCP E . -18.31 -13.58 -7.51
N31 A1JCP E . -18.06 -13.15 -4.93
C32 A1JCP E . -18.00 -13.22 -3.47
C33 A1JCP E . -16.60 -13.53 -3.01
C30 A1JCP E . -18.02 -11.90 -5.54
O34 A1JCP E . -17.91 -10.84 -4.89
C12 A1JCP E . -18.11 -11.92 -6.94
N14 A1JCP E . -18.32 -10.89 -8.98
C16 A1JCP E . -19.04 -9.83 -11.00
C19 A1JCP E . -18.25 -7.34 -10.04
N18 A1JCP E . -18.85 -7.44 -11.31
N21 A1JCP E . -19.82 -8.66 -13.04
C29 A1JCP E . -20.17 -9.95 -13.72
C23 A1JCP E . -21.71 -7.47 -14.23
N25 A1JCP E . -20.98 -6.05 -16.01
C27 A1JCP E . -19.36 -7.16 -14.72
C1 GOL F . -3.65 -28.63 -13.00
O1 GOL F . -2.38 -28.94 -12.44
C2 GOL F . -4.57 -29.84 -13.04
O2 GOL F . -5.07 -30.11 -11.72
C3 GOL F . -5.74 -29.66 -13.99
O3 GOL F . -5.37 -29.90 -15.35
CL CL G . 20.54 -8.72 12.84
C5 A1JCP H . 21.04 15.34 9.44
C7 A1JCP H . 19.47 15.29 7.51
C10 A1JCP H . 17.98 14.88 5.49
C13 A1JCP H . 14.59 16.59 4.50
C15 A1JCP H . 13.13 18.44 5.00
C17 A1JCP H . 12.10 20.68 5.31
C20 A1JCP H . 12.09 18.13 4.07
C22 A1JCP H . 11.07 22.88 5.30
C24 A1JCP H . 10.41 25.20 4.75
C26 A1JCP H . 8.79 23.67 5.73
C28 A1JCP H . 8.05 25.85 5.28
F3 A1JCP H . 21.94 17.47 8.40
C2 A1JCP H . 22.25 16.20 9.28
F4 A1JCP H . 22.61 16.53 10.48
F1 A1JCP H . 23.13 15.51 8.74
N6 A1JCP H . 20.56 14.81 8.13
O8 A1JCP H . 18.81 16.24 7.99
C9 A1JCP H . 19.10 14.56 6.17
C35 A1JCP H . 19.93 13.47 5.74
N36 A1JCP H . 20.63 12.61 5.38
S11 A1JCP H . 17.00 16.10 6.04
N31 A1JCP H . 17.42 14.34 4.34
C32 A1JCP H . 17.96 13.25 3.46
C33 A1JCP H . 17.56 11.93 4.05
C30 A1JCP H . 16.23 14.88 3.92
O34 A1JCP H . 15.66 14.50 2.91
C12 A1JCP H . 15.73 15.86 4.73
N14 A1JCP H . 14.19 17.59 5.32
C16 A1JCP H . 13.10 19.73 5.59
C19 A1JCP H . 11.11 19.08 3.78
N18 A1JCP H . 11.12 20.35 4.42
N21 A1JCP H . 12.03 21.92 5.86
C29 A1JCP H . 12.83 22.30 7.06
C23 A1JCP H . 11.55 24.35 5.28
N25 A1JCP H . 9.23 25.05 5.65
C27 A1JCP H . 9.91 22.74 6.19
C1 GOL I . 19.14 8.93 25.89
O1 GOL I . 18.35 9.66 26.82
C2 GOL I . 19.01 7.43 26.08
O2 GOL I . 20.04 6.77 25.35
C3 GOL I . 17.65 6.88 25.68
O3 GOL I . 17.60 5.45 25.73
#